data_7PFE
#
_entry.id   7PFE
#
_cell.length_a   1.00
_cell.length_b   1.00
_cell.length_c   1.00
_cell.angle_alpha   90.00
_cell.angle_beta   90.00
_cell.angle_gamma   90.00
#
_symmetry.space_group_name_H-M   'P 1'
#
loop_
_entity.id
_entity.type
_entity.pdbx_description
1 polymer 'Histone H3.2'
2 polymer 'Histone H4'
3 polymer 'Histone H2A type 1-B/E'
4 polymer 'Histone H2B type 1-K'
5 polymer 'DNA (177-MER)'
6 polymer 'DNA (177-MER)'
7 polymer 'Histone H1.4'
#
loop_
_entity_poly.entity_id
_entity_poly.type
_entity_poly.pdbx_seq_one_letter_code
_entity_poly.pdbx_strand_id
1 'polypeptide(L)'
;MARTKQTARKSTGGKAPRKQLATKAARKSAPATGGVKKPHRYRPGTVALREIRRYQKSTELLIRKLPFQRLVREIAQDFK
TDLRFQSSAVMALQEASEAYLVGLFEDTNLAAIHAKRVTIMPKDIQLARRIRGERA
;
a,e
2 'polypeptide(L)'
;MSGRGKGGKGLGKGGAKRHRKVLRDNIQGITKPAIRRLARRGGVKRISGLIYEETRGVLKVFLENVIRDAVTYTEHAKRK
TVTAMDVVYALKRQGRTLYGFGG
;
b,f
3 'polypeptide(L)'
;HHHHHHENLYFQSNAPWMSGRGKQGGKARAKAKTRSSRAGLQFPVGRVHRLLRKGNYSERVGAGAPVYLAAVLEYLTAEI
LELAGNAARDNKKTRIIPRHLQLAIRNDEELNKLLGRVTIAQGGVLPNIQAVLLPKKTESHHKAKGK
;
c,g
4 'polypeptide(L)'
;MPEPAKSAPAPKKGSKKAVTKAQKKDGKKRKRSRKESYSVYVYKVLKQVHPDTGISSKAMGIMNSFVNDIFERIAGEASR
LAHYNKRSTITSREIQTAVRLLLPGELAKHAVSEGTKAVTKYTSAK
;
d,h
5 'polydeoxyribonucleotide'
;(DC)(DT)(DT)(DA)(DA)(DT)(DA)(DC)(DT)(DT)(DA)(DC)(DA)(DT)(DG)(DA)(DC)(DA)(DG)(DG)
(DA)(DT)(DG)(DT)(DA)(DT)(DA)(DT)(DA)(DT)(DC)(DT)(DG)(DA)(DC)(DA)(DC)(DG)(DT)(DG)
(DC)(DC)(DT)(DG)(DG)(DA)(DG)(DA)(DC)(DT)(DA)(DG)(DG)(DG)(DA)(DG)(DT)(DA)(DA)(DT)
(DC)(DC)(DC)(DC)(DT)(DT)(DG)(DG)(DC)(DG)(DG)(DT)(DT)(DA)(DA)(DA)(DA)(DC)(DG)(DC)
(DG)(DG)(DG)(DG)(DG)(DA)(DC)(DA)(DG)(DC)(DG)(DC)(DG)(DT)(DA)(DC)(DG)(DT)(DG)(DC)
(DG)(DT)(DT)(DT)(DA)(DA)(DG)(DC)(DG)(DG)(DT)(DG)(DC)(DT)(DA)(DG)(DA)(DG)(DC)(DT)
(DG)(DT)(DC)(DT)(DA)(DC)(DG)(DA)(DC)(DC)(DA)(DA)(DT)(DT)(DG)(DA)(DG)(DC)(DG)(DG)
(DC)(DC)(DT)(DC)(DG)(DG)(DC)(DA)(DC)(DC)(DG)(DG)(DG)(DA)(DT)(DT)(DC)(DT)(DC)(DC)
(DA)(DG)(DT)(DA)(DT)(DG)(DG)(DC)(DG)(DG)(DC)(DC)(DA)(DG)(DT)(DG)(DC)
;
J
6 'polydeoxyribonucleotide'
;(DG)(DC)(DA)(DC)(DT)(DG)(DG)(DC)(DC)(DG)(DC)(DC)(DA)(DT)(DA)(DC)(DT)(DG)(DG)(DA)
(DG)(DA)(DA)(DT)(DC)(DC)(DC)(DG)(DG)(DT)(DG)(DC)(DC)(DG)(DA)(DG)(DG)(DC)(DC)(DG)
(DC)(DT)(DC)(DA)(DA)(DT)(DT)(DG)(DG)(DT)(DC)(DG)(DT)(DA)(DG)(DA)(DC)(DA)(DG)(DC)
(DT)(DC)(DT)(DA)(DG)(DC)(DA)(DC)(DC)(DG)(DC)(DT)(DT)(DA)(DA)(DA)(DC)(DG)(DC)(DA)
(DC)(DG)(DT)(DA)(DC)(DG)(DC)(DG)(DC)(DT)(DG)(DT)(DC)(DC)(DC)(DC)(DC)(DG)(DC)(DG)
(DT)(DT)(DT)(DT)(DA)(DA)(DC)(DC)(DG)(DC)(DC)(DA)(DA)(DG)(DG)(DG)(DG)(DA)(DT)(DT)
(DA)(DC)(DT)(DC)(DC)(DC)(DT)(DA)(DG)(DT)(DC)(DT)(DC)(DC)(DA)(DG)(DG)(DC)(DA)(DC)
(DG)(DT)(DG)(DT)(DC)(DA)(DG)(DA)(DT)(DA)(DT)(DA)(DT)(DA)(DC)(DA)(DT)(DC)(DC)(DT)
(DG)(DT)(DC)(DA)(DT)(DG)(DT)(DA)(DA)(DG)(DT)(DA)(DT)(DT)(DA)(DA)(DG)
;
I
7 'polypeptide(L)'
;SETAPAAPAAPAPAEKTPVKKKARKSAGAAKRKASGPPVSELITKAVAASKERSGVSLAALKKALAAAGYDVEKNNSRIK
LGLKSLVSKGTLVQTKGTGASGSFKLNKKAASGEAKPKAKKAGAAKAKKPAGAAKKPKKATGAATPKKSAKKTPKKAKKP
AAAAGAKKAKSPKKAKAAKPKKAPKSPAKAKAVKPKAAKPKTAKPKAAKPKKAAAKKK
;
u
#
loop_
_chem_comp.id
_chem_comp.type
_chem_comp.name
_chem_comp.formula
DA DNA linking 2'-DEOXYADENOSINE-5'-MONOPHOSPHATE 'C10 H14 N5 O6 P'
DC DNA linking 2'-DEOXYCYTIDINE-5'-MONOPHOSPHATE 'C9 H14 N3 O7 P'
DG DNA linking 2'-DEOXYGUANOSINE-5'-MONOPHOSPHATE 'C10 H14 N5 O7 P'
DT DNA linking THYMIDINE-5'-MONOPHOSPHATE 'C10 H15 N2 O8 P'
#
# COMPACT_ATOMS: atom_id res chain seq x y z
N LYS A 38 -51.17 4.41 17.88
CA LYS A 38 -50.03 3.58 17.53
C LYS A 38 -48.78 4.48 17.43
N PRO A 39 -47.68 4.05 18.05
CA PRO A 39 -46.49 4.90 18.13
C PRO A 39 -45.77 5.01 16.81
N HIS A 40 -44.92 6.02 16.70
CA HIS A 40 -44.14 6.21 15.49
C HIS A 40 -43.11 5.11 15.31
N ARG A 41 -42.86 4.77 14.04
CA ARG A 41 -41.78 3.85 13.69
C ARG A 41 -41.35 4.09 12.26
N TYR A 42 -40.07 4.37 12.06
CA TYR A 42 -39.54 4.53 10.72
C TYR A 42 -39.31 3.17 10.07
N ARG A 43 -39.33 3.16 8.73
CA ARG A 43 -38.93 1.97 8.00
C ARG A 43 -37.42 1.78 8.09
N PRO A 44 -36.94 0.54 7.95
CA PRO A 44 -35.50 0.28 8.09
C PRO A 44 -34.66 1.00 7.04
N GLY A 45 -33.48 1.44 7.46
CA GLY A 45 -32.56 2.15 6.61
C GLY A 45 -32.66 3.65 6.71
N THR A 46 -33.87 4.20 6.84
CA THR A 46 -34.04 5.64 6.96
C THR A 46 -33.38 6.16 8.22
N VAL A 47 -33.63 5.48 9.35
CA VAL A 47 -32.87 5.76 10.57
C VAL A 47 -31.40 5.49 10.34
N ALA A 48 -31.06 4.40 9.64
CA ALA A 48 -29.66 4.05 9.41
C ALA A 48 -28.94 5.13 8.61
N LEU A 49 -29.59 5.64 7.57
CA LEU A 49 -29.05 6.79 6.84
C LEU A 49 -28.95 8.01 7.73
N ARG A 50 -29.84 8.13 8.71
CA ARG A 50 -29.72 9.25 9.64
C ARG A 50 -28.46 9.13 10.51
N GLU A 51 -28.12 7.92 10.98
CA GLU A 51 -26.83 7.84 11.68
C GLU A 51 -25.66 8.03 10.73
N ILE A 52 -25.83 7.65 9.46
CA ILE A 52 -24.77 7.90 8.48
C ILE A 52 -24.49 9.38 8.37
N ARG A 53 -25.54 10.18 8.19
CA ARG A 53 -25.37 11.63 8.09
C ARG A 53 -24.85 12.21 9.39
N ARG A 54 -25.38 11.76 10.52
CA ARG A 54 -24.97 12.30 11.82
C ARG A 54 -23.51 12.01 12.12
N TYR A 55 -23.11 10.74 12.05
CA TYR A 55 -21.75 10.38 12.41
C TYR A 55 -20.73 10.77 11.35
N GLN A 56 -21.08 10.70 10.07
CA GLN A 56 -20.14 11.08 9.04
C GLN A 56 -19.97 12.59 8.99
N LYS A 57 -20.98 13.35 9.38
CA LYS A 57 -20.80 14.77 9.64
C LYS A 57 -19.92 15.00 10.87
N SER A 58 -20.12 14.19 11.90
CA SER A 58 -19.49 14.46 13.20
C SER A 58 -18.05 13.97 13.21
N THR A 59 -17.29 14.49 14.18
CA THR A 59 -15.86 14.32 14.22
C THR A 59 -15.33 13.68 15.49
N GLU A 60 -16.19 13.33 16.44
CA GLU A 60 -15.73 12.89 17.75
C GLU A 60 -15.18 11.46 17.69
N LEU A 61 -14.43 11.10 18.73
CA LEU A 61 -14.05 9.71 18.94
C LEU A 61 -15.30 8.86 19.12
N LEU A 62 -15.35 7.75 18.40
CA LEU A 62 -16.61 7.09 18.14
C LEU A 62 -16.83 5.87 19.00
N ILE A 63 -15.78 5.24 19.48
CA ILE A 63 -15.89 4.13 20.41
C ILE A 63 -15.69 4.65 21.82
N ARG A 64 -16.09 3.84 22.80
CA ARG A 64 -15.91 4.19 24.20
C ARG A 64 -14.43 4.32 24.55
N LYS A 65 -14.12 5.27 25.43
CA LYS A 65 -12.73 5.53 25.78
C LYS A 65 -12.17 4.44 26.68
N LEU A 66 -12.84 4.17 27.81
CA LEU A 66 -12.26 3.32 28.85
C LEU A 66 -12.02 1.87 28.43
N PRO A 67 -12.95 1.16 27.79
CA PRO A 67 -12.61 -0.21 27.38
C PRO A 67 -11.57 -0.25 26.28
N PHE A 68 -11.49 0.78 25.44
CA PHE A 68 -10.40 0.84 24.48
C PHE A 68 -9.07 0.99 25.17
N GLN A 69 -9.01 1.83 26.20
CA GLN A 69 -7.82 1.94 27.04
C GLN A 69 -7.47 0.60 27.65
N ARG A 70 -8.47 -0.10 28.15
CA ARG A 70 -8.28 -1.40 28.76
C ARG A 70 -7.75 -2.42 27.76
N LEU A 71 -8.28 -2.39 26.53
CA LEU A 71 -7.84 -3.34 25.51
C LEU A 71 -6.42 -3.06 25.07
N VAL A 72 -6.05 -1.78 24.96
CA VAL A 72 -4.66 -1.42 24.65
C VAL A 72 -3.74 -1.92 25.73
N ARG A 73 -4.14 -1.76 27.00
CA ARG A 73 -3.34 -2.28 28.11
C ARG A 73 -3.23 -3.80 28.03
N GLU A 74 -4.33 -4.47 27.72
CA GLU A 74 -4.36 -5.93 27.68
C GLU A 74 -3.46 -6.47 26.59
N ILE A 75 -3.48 -5.84 25.42
CA ILE A 75 -2.63 -6.29 24.32
C ILE A 75 -1.17 -5.98 24.62
N ALA A 76 -0.90 -4.80 25.18
CA ALA A 76 0.48 -4.41 25.44
C ALA A 76 1.11 -5.23 26.56
N GLN A 77 0.27 -5.79 27.44
CA GLN A 77 0.78 -6.64 28.51
C GLN A 77 1.45 -7.89 27.94
N ASP A 78 0.96 -8.38 26.80
CA ASP A 78 1.50 -9.59 26.21
C ASP A 78 2.92 -9.44 25.71
N PHE A 79 3.32 -8.23 25.30
CA PHE A 79 4.63 -8.03 24.68
C PHE A 79 5.67 -7.54 25.67
N LYS A 80 5.24 -6.76 26.66
CA LYS A 80 6.15 -6.24 27.68
C LYS A 80 5.35 -6.06 28.95
N THR A 81 5.96 -6.35 30.10
CA THR A 81 5.23 -6.29 31.34
C THR A 81 5.29 -4.90 31.97
N ASP A 82 4.21 -4.57 32.68
CA ASP A 82 4.04 -3.35 33.47
C ASP A 82 4.23 -2.10 32.62
N LEU A 83 3.56 -2.02 31.48
CA LEU A 83 3.64 -0.83 30.65
C LEU A 83 2.68 0.25 31.14
N ARG A 84 3.16 1.49 31.16
CA ARG A 84 2.30 2.63 31.39
C ARG A 84 2.11 3.35 30.07
N PHE A 85 0.96 4.00 29.93
CA PHE A 85 0.59 4.64 28.70
C PHE A 85 0.31 6.12 28.96
N GLN A 86 0.87 6.98 28.11
CA GLN A 86 0.38 8.34 28.07
C GLN A 86 -1.07 8.34 27.61
N SER A 87 -1.89 9.19 28.22
CA SER A 87 -3.28 9.28 27.82
C SER A 87 -3.41 9.73 26.37
N SER A 88 -2.56 10.68 25.97
CA SER A 88 -2.51 11.13 24.59
C SER A 88 -2.12 10.00 23.64
N ALA A 89 -1.27 9.08 24.09
CA ALA A 89 -0.90 7.94 23.25
C ALA A 89 -2.09 7.05 22.98
N VAL A 90 -2.89 6.76 24.01
CA VAL A 90 -4.06 5.92 23.81
C VAL A 90 -5.10 6.64 22.97
N MET A 91 -5.17 7.98 23.11
CA MET A 91 -6.00 8.75 22.20
C MET A 91 -5.52 8.61 20.75
N ALA A 92 -4.20 8.68 20.55
CA ALA A 92 -3.63 8.56 19.21
C ALA A 92 -3.94 7.19 18.62
N LEU A 93 -3.88 6.15 19.45
CA LEU A 93 -4.36 4.84 19.04
C LEU A 93 -5.84 4.90 18.67
N GLN A 94 -6.62 5.70 19.38
CA GLN A 94 -8.06 5.75 19.08
C GLN A 94 -8.32 6.33 17.70
N GLU A 95 -7.73 7.50 17.38
CA GLU A 95 -7.92 8.00 16.01
C GLU A 95 -7.26 7.12 14.96
N ALA A 96 -6.10 6.53 15.25
CA ALA A 96 -5.46 5.67 14.26
C ALA A 96 -6.32 4.44 13.96
N SER A 97 -6.86 3.81 15.00
CA SER A 97 -7.69 2.63 14.84
C SER A 97 -8.98 2.97 14.11
N GLU A 98 -9.61 4.11 14.46
CA GLU A 98 -10.86 4.41 13.78
C GLU A 98 -10.61 4.79 12.34
N ALA A 99 -9.48 5.45 12.03
CA ALA A 99 -9.19 5.80 10.65
C ALA A 99 -8.96 4.55 9.81
N TYR A 100 -8.20 3.60 10.37
CA TYR A 100 -7.95 2.35 9.69
C TYR A 100 -9.24 1.57 9.46
N LEU A 101 -10.10 1.53 10.48
CA LEU A 101 -11.36 0.80 10.38
C LEU A 101 -12.32 1.44 9.38
N VAL A 102 -12.42 2.77 9.41
CA VAL A 102 -13.31 3.46 8.47
C VAL A 102 -12.83 3.28 7.04
N GLY A 103 -11.52 3.35 6.83
CA GLY A 103 -11.00 3.10 5.48
C GLY A 103 -11.33 1.70 4.98
N LEU A 104 -11.19 0.71 5.87
CA LEU A 104 -11.58 -0.65 5.49
C LEU A 104 -13.08 -0.75 5.25
N PHE A 105 -13.88 0.07 5.94
CA PHE A 105 -15.33 -0.05 5.78
C PHE A 105 -15.83 0.59 4.48
N GLU A 106 -15.26 1.72 4.06
CA GLU A 106 -15.60 2.18 2.70
C GLU A 106 -15.07 1.24 1.63
N ASP A 107 -13.92 0.61 1.86
CA ASP A 107 -13.47 -0.43 0.94
C ASP A 107 -14.45 -1.60 0.90
N THR A 108 -14.98 -1.96 2.07
CA THR A 108 -15.98 -3.01 2.18
C THR A 108 -17.27 -2.62 1.47
N ASN A 109 -17.67 -1.36 1.58
CA ASN A 109 -18.85 -0.88 0.87
C ASN A 109 -18.68 -0.97 -0.63
N LEU A 110 -17.50 -0.60 -1.12
CA LEU A 110 -17.21 -0.75 -2.54
C LEU A 110 -17.32 -2.20 -2.97
N ALA A 111 -16.79 -3.11 -2.15
CA ALA A 111 -16.88 -4.54 -2.46
C ALA A 111 -18.33 -5.00 -2.48
N ALA A 112 -19.13 -4.53 -1.52
CA ALA A 112 -20.50 -5.03 -1.39
C ALA A 112 -21.39 -4.50 -2.51
N ILE A 113 -21.23 -3.23 -2.86
CA ILE A 113 -22.02 -2.71 -3.98
C ILE A 113 -21.53 -3.31 -5.28
N HIS A 114 -20.26 -3.74 -5.31
CA HIS A 114 -19.76 -4.40 -6.50
C HIS A 114 -20.39 -5.77 -6.65
N ALA A 115 -20.67 -6.43 -5.54
CA ALA A 115 -21.34 -7.72 -5.55
C ALA A 115 -22.85 -7.60 -5.55
N LYS A 116 -23.39 -6.44 -5.95
CA LYS A 116 -24.83 -6.16 -6.05
C LYS A 116 -25.54 -6.33 -4.71
N ARG A 117 -24.84 -6.17 -3.60
CA ARG A 117 -25.47 -6.26 -2.29
C ARG A 117 -25.43 -4.91 -1.60
N VAL A 118 -26.42 -4.70 -0.72
CA VAL A 118 -26.42 -3.58 0.20
C VAL A 118 -26.07 -4.01 1.61
N THR A 119 -25.82 -5.29 1.82
CA THR A 119 -25.43 -5.82 3.12
C THR A 119 -24.03 -6.41 2.99
N ILE A 120 -23.14 -6.05 3.89
CA ILE A 120 -21.77 -6.57 3.82
C ILE A 120 -21.68 -7.89 4.58
N MET A 121 -20.69 -8.69 4.21
CA MET A 121 -20.38 -9.97 4.84
C MET A 121 -18.88 -9.95 5.16
N PRO A 122 -18.43 -10.79 6.11
CA PRO A 122 -17.00 -10.77 6.46
C PRO A 122 -16.07 -11.11 5.31
N LYS A 123 -16.59 -11.87 4.34
CA LYS A 123 -15.82 -12.18 3.13
C LYS A 123 -15.48 -10.93 2.36
N ASP A 124 -16.33 -9.89 2.43
CA ASP A 124 -15.99 -8.59 1.86
C ASP A 124 -14.75 -8.01 2.51
N ILE A 125 -14.67 -8.09 3.83
CA ILE A 125 -13.52 -7.55 4.56
C ILE A 125 -12.26 -8.34 4.24
N GLN A 126 -12.40 -9.67 4.14
CA GLN A 126 -11.26 -10.49 3.75
C GLN A 126 -10.79 -10.13 2.35
N LEU A 127 -11.73 -9.88 1.44
CA LEU A 127 -11.40 -9.42 0.09
C LEU A 127 -10.63 -8.11 0.13
N ALA A 128 -11.13 -7.15 0.89
CA ALA A 128 -10.51 -5.82 0.93
C ALA A 128 -9.11 -5.89 1.52
N ARG A 129 -8.94 -6.69 2.57
CA ARG A 129 -7.62 -6.86 3.17
C ARG A 129 -6.66 -7.52 2.21
N ARG A 130 -7.12 -8.54 1.47
CA ARG A 130 -6.20 -9.29 0.63
C ARG A 130 -5.86 -8.50 -0.64
N ILE A 131 -6.79 -7.67 -1.13
CA ILE A 131 -6.44 -6.76 -2.22
C ILE A 131 -5.46 -5.70 -1.72
N ARG A 132 -5.64 -5.23 -0.49
CA ARG A 132 -4.69 -4.29 0.07
C ARG A 132 -3.32 -4.89 0.34
N GLY A 133 -3.20 -6.22 0.28
CA GLY A 133 -1.93 -6.86 0.53
C GLY A 133 -1.67 -7.15 1.99
N GLU A 134 -2.70 -7.43 2.76
CA GLU A 134 -2.55 -7.61 4.19
C GLU A 134 -3.01 -9.01 4.63
N LYS B 21 -5.54 -6.44 38.46
CA LYS B 21 -4.46 -5.99 37.58
C LYS B 21 -4.42 -6.84 36.31
N VAL B 22 -4.89 -8.08 36.44
CA VAL B 22 -4.88 -9.01 35.32
C VAL B 22 -6.05 -8.70 34.40
N LEU B 23 -5.78 -8.73 33.10
CA LEU B 23 -6.77 -8.44 32.07
C LEU B 23 -6.97 -9.68 31.22
N ARG B 24 -8.23 -10.02 30.96
CA ARG B 24 -8.60 -11.32 30.45
C ARG B 24 -9.11 -11.34 29.01
N ASP B 25 -10.22 -10.70 28.68
CA ASP B 25 -10.73 -10.79 27.31
C ASP B 25 -11.36 -9.48 26.87
N ASN B 26 -10.64 -8.37 27.03
CA ASN B 26 -11.18 -7.05 26.75
C ASN B 26 -11.42 -6.75 25.28
N ILE B 27 -11.33 -7.75 24.40
CA ILE B 27 -11.66 -7.56 22.99
C ILE B 27 -13.13 -7.26 22.79
N GLN B 28 -14.02 -7.87 23.60
CA GLN B 28 -15.43 -7.52 23.47
C GLN B 28 -15.74 -6.15 24.03
N GLY B 29 -14.78 -5.48 24.68
CA GLY B 29 -14.94 -4.10 25.08
C GLY B 29 -15.15 -3.14 23.92
N ILE B 30 -14.71 -3.51 22.71
CA ILE B 30 -15.12 -2.81 21.50
C ILE B 30 -16.53 -3.32 21.20
N THR B 31 -17.51 -2.59 21.70
CA THR B 31 -18.89 -3.06 21.71
C THR B 31 -19.48 -3.11 20.31
N LYS B 32 -20.54 -3.91 20.18
CA LYS B 32 -21.26 -4.01 18.93
C LYS B 32 -21.85 -2.68 18.44
N PRO B 33 -22.54 -1.86 19.26
CA PRO B 33 -22.99 -0.56 18.73
C PRO B 33 -21.87 0.36 18.33
N ALA B 34 -20.68 0.22 18.95
CA ALA B 34 -19.53 0.99 18.49
C ALA B 34 -19.13 0.60 17.08
N ILE B 35 -19.19 -0.70 16.78
CA ILE B 35 -18.92 -1.18 15.43
C ILE B 35 -19.98 -0.66 14.47
N ARG B 36 -21.23 -0.63 14.91
CA ARG B 36 -22.29 -0.08 14.06
C ARG B 36 -22.07 1.40 13.79
N ARG B 37 -21.62 2.15 14.81
CA ARG B 37 -21.33 3.57 14.60
C ARG B 37 -20.18 3.77 13.63
N LEU B 38 -19.14 2.94 13.75
CA LEU B 38 -18.02 3.01 12.80
C LEU B 38 -18.49 2.71 11.38
N ALA B 39 -19.38 1.73 11.25
CA ALA B 39 -19.90 1.40 9.93
C ALA B 39 -20.78 2.50 9.37
N ARG B 40 -21.48 3.22 10.26
CA ARG B 40 -22.22 4.40 9.82
C ARG B 40 -21.26 5.47 9.34
N ARG B 41 -20.14 5.65 10.05
CA ARG B 41 -19.09 6.52 9.52
C ARG B 41 -18.45 5.90 8.29
N GLY B 42 -18.40 4.58 8.24
CA GLY B 42 -17.92 3.89 7.05
C GLY B 42 -18.90 3.85 5.91
N GLY B 43 -20.10 4.37 6.09
CA GLY B 43 -21.06 4.39 5.01
C GLY B 43 -21.76 3.09 4.77
N VAL B 44 -21.79 2.19 5.75
CA VAL B 44 -22.44 0.90 5.59
C VAL B 44 -23.92 1.08 5.87
N LYS B 45 -24.76 0.76 4.89
CA LYS B 45 -26.20 0.87 5.10
C LYS B 45 -26.73 -0.27 5.96
N ARG B 46 -26.25 -1.50 5.75
CA ARG B 46 -26.74 -2.65 6.48
C ARG B 46 -25.58 -3.58 6.80
N ILE B 47 -25.54 -4.07 8.03
CA ILE B 47 -24.42 -4.84 8.55
C ILE B 47 -24.93 -6.23 8.87
N SER B 48 -24.18 -7.25 8.47
CA SER B 48 -24.51 -8.58 8.95
C SER B 48 -24.15 -8.70 10.43
N GLY B 49 -24.84 -9.60 11.11
CA GLY B 49 -24.48 -9.90 12.49
C GLY B 49 -23.23 -10.73 12.61
N LEU B 50 -22.80 -11.34 11.51
CA LEU B 50 -21.57 -12.12 11.49
C LEU B 50 -20.35 -11.24 11.39
N ILE B 51 -20.51 -9.94 11.17
CA ILE B 51 -19.41 -9.02 10.88
C ILE B 51 -18.50 -8.82 12.08
N TYR B 52 -19.08 -8.79 13.28
CA TYR B 52 -18.46 -8.14 14.43
C TYR B 52 -17.19 -8.85 14.89
N GLU B 53 -17.19 -10.19 14.88
CA GLU B 53 -16.05 -10.91 15.44
C GLU B 53 -14.83 -10.82 14.53
N GLU B 54 -15.03 -10.81 13.21
CA GLU B 54 -13.90 -10.61 12.32
C GLU B 54 -13.44 -9.16 12.33
N THR B 55 -14.36 -8.21 12.55
CA THR B 55 -13.87 -6.85 12.73
C THR B 55 -13.02 -6.72 13.99
N ARG B 56 -13.44 -7.39 15.08
CA ARG B 56 -12.61 -7.46 16.27
C ARG B 56 -11.27 -8.10 15.96
N GLY B 57 -11.26 -9.18 15.18
CA GLY B 57 -10.00 -9.83 14.85
C GLY B 57 -9.10 -8.95 14.02
N VAL B 58 -9.67 -8.25 13.05
CA VAL B 58 -8.89 -7.38 12.17
C VAL B 58 -8.30 -6.21 12.93
N LEU B 59 -9.12 -5.55 13.75
CA LEU B 59 -8.59 -4.46 14.55
C LEU B 59 -7.59 -4.97 15.58
N LYS B 60 -7.82 -6.18 16.11
CA LYS B 60 -6.85 -6.79 17.02
C LYS B 60 -5.51 -6.95 16.36
N VAL B 61 -5.49 -7.60 15.19
CA VAL B 61 -4.25 -7.87 14.45
C VAL B 61 -3.51 -6.57 14.15
N PHE B 62 -4.27 -5.55 13.78
CA PHE B 62 -3.72 -4.21 13.60
C PHE B 62 -3.10 -3.70 14.90
N LEU B 63 -3.76 -3.93 16.03
CA LEU B 63 -3.21 -3.50 17.31
C LEU B 63 -1.94 -4.25 17.71
N GLU B 64 -1.84 -5.57 17.49
CA GLU B 64 -0.54 -6.19 17.80
C GLU B 64 0.55 -5.63 16.89
N ASN B 65 0.21 -5.32 15.65
CA ASN B 65 1.18 -4.69 14.75
C ASN B 65 1.68 -3.36 15.33
N VAL B 66 0.75 -2.46 15.65
CA VAL B 66 1.15 -1.11 16.04
C VAL B 66 1.74 -1.10 17.45
N ILE B 67 1.22 -1.93 18.35
CA ILE B 67 1.72 -1.93 19.72
C ILE B 67 3.07 -2.62 19.80
N ARG B 68 3.27 -3.68 19.02
CA ARG B 68 4.59 -4.31 18.93
C ARG B 68 5.62 -3.33 18.40
N ASP B 69 5.24 -2.57 17.37
CA ASP B 69 6.13 -1.54 16.85
C ASP B 69 6.41 -0.49 17.91
N ALA B 70 5.37 -0.04 18.61
CA ALA B 70 5.51 1.01 19.59
C ALA B 70 6.37 0.58 20.76
N VAL B 71 6.19 -0.66 21.24
CA VAL B 71 7.01 -1.11 22.35
C VAL B 71 8.42 -1.37 21.88
N THR B 72 8.61 -1.74 20.61
CA THR B 72 9.95 -1.92 20.11
C THR B 72 10.70 -0.58 20.15
N TYR B 73 10.00 0.50 19.78
CA TYR B 73 10.51 1.84 20.06
C TYR B 73 10.68 2.10 21.55
N THR B 74 9.79 1.56 22.36
CA THR B 74 9.69 2.00 23.75
C THR B 74 10.84 1.47 24.59
N GLU B 75 10.99 0.14 24.68
CA GLU B 75 12.22 -0.35 25.30
C GLU B 75 13.39 -0.34 24.33
N HIS B 76 13.23 0.22 23.13
CA HIS B 76 14.42 0.81 22.53
C HIS B 76 14.85 2.06 23.29
N ALA B 77 13.89 2.87 23.74
CA ALA B 77 14.26 4.06 24.48
C ALA B 77 14.51 3.77 25.95
N LYS B 78 14.42 2.51 26.36
CA LYS B 78 14.59 2.06 27.75
C LYS B 78 13.58 2.74 28.67
N ARG B 79 12.40 3.05 28.16
CA ARG B 79 11.34 3.64 28.94
C ARG B 79 10.27 2.60 29.25
N LYS B 80 9.69 2.71 30.44
CA LYS B 80 8.56 1.87 30.82
C LYS B 80 7.23 2.52 30.48
N THR B 81 7.25 3.74 29.97
CA THR B 81 6.04 4.50 29.67
C THR B 81 5.95 4.65 28.16
N VAL B 82 4.81 4.26 27.59
CA VAL B 82 4.60 4.43 26.16
C VAL B 82 4.16 5.86 25.88
N THR B 83 4.82 6.50 24.92
CA THR B 83 4.51 7.87 24.55
C THR B 83 3.76 7.91 23.22
N ALA B 84 3.08 9.03 23.00
CA ALA B 84 2.37 9.24 21.75
C ALA B 84 3.31 9.42 20.57
N MET B 85 4.50 9.97 20.84
CA MET B 85 5.45 10.24 19.77
C MET B 85 5.93 8.94 19.15
N ASP B 86 6.15 7.92 19.99
CA ASP B 86 6.50 6.59 19.49
C ASP B 86 5.36 5.98 18.69
N VAL B 87 4.13 6.27 19.09
CA VAL B 87 2.98 5.80 18.31
C VAL B 87 2.97 6.47 16.94
N VAL B 88 3.34 7.75 16.90
CA VAL B 88 3.43 8.46 15.63
C VAL B 88 4.48 7.82 14.73
N TYR B 89 5.63 7.45 15.31
CA TYR B 89 6.63 6.70 14.55
C TYR B 89 6.10 5.35 14.08
N ALA B 90 5.34 4.67 14.92
CA ALA B 90 4.82 3.35 14.56
C ALA B 90 3.82 3.45 13.40
N LEU B 91 2.99 4.48 13.42
CA LEU B 91 2.02 4.64 12.34
C LEU B 91 2.69 5.11 11.06
N LYS B 92 3.70 5.97 11.18
CA LYS B 92 4.43 6.42 10.00
C LYS B 92 5.18 5.27 9.35
N ARG B 93 5.80 4.43 10.18
CA ARG B 93 6.52 3.27 9.68
C ARG B 93 5.58 2.24 9.06
N GLN B 94 4.32 2.25 9.45
CA GLN B 94 3.31 1.40 8.86
C GLN B 94 2.75 1.99 7.58
N GLY B 95 3.11 3.24 7.27
CA GLY B 95 2.52 3.89 6.12
C GLY B 95 1.08 4.30 6.34
N ARG B 96 0.73 4.65 7.56
CA ARG B 96 -0.64 5.00 7.95
C ARG B 96 -0.63 6.27 8.77
N THR B 97 0.02 7.30 8.23
CA THR B 97 0.49 8.44 9.01
C THR B 97 -0.66 9.23 9.63
N LEU B 98 -0.48 9.60 10.89
CA LEU B 98 -1.47 10.30 11.71
C LEU B 98 -0.95 11.69 12.01
N TYR B 99 -1.83 12.68 11.95
CA TYR B 99 -1.47 14.05 12.29
C TYR B 99 -2.12 14.48 13.61
N GLY B 100 -1.39 15.31 14.34
CA GLY B 100 -1.93 15.96 15.52
C GLY B 100 -1.36 15.51 16.84
N PHE B 101 -0.25 14.78 16.84
CA PHE B 101 0.28 14.23 18.07
C PHE B 101 1.77 14.47 18.18
N GLY B 102 2.18 15.71 17.90
CA GLY B 102 3.56 16.10 18.08
C GLY B 102 4.50 15.72 16.97
N GLY B 103 4.01 15.03 15.94
CA GLY B 103 4.83 14.65 14.82
C GLY B 103 5.02 15.76 13.82
N ALA C 28 56.76 -3.41 11.89
CA ALA C 28 56.53 -4.50 12.83
C ALA C 28 55.04 -4.73 13.04
N ARG C 29 54.26 -4.50 11.99
CA ARG C 29 52.82 -4.66 12.09
C ARG C 29 52.46 -6.14 12.14
N ALA C 30 51.39 -6.46 12.87
CA ALA C 30 50.83 -7.80 12.85
C ALA C 30 50.22 -8.12 11.48
N LYS C 31 49.82 -9.39 11.33
CA LYS C 31 49.27 -9.85 10.06
C LYS C 31 47.94 -9.18 9.77
N ALA C 32 47.72 -8.84 8.51
CA ALA C 32 46.46 -8.23 8.09
C ALA C 32 45.36 -9.27 8.13
N LYS C 33 44.53 -9.22 9.17
CA LYS C 33 43.41 -10.13 9.31
C LYS C 33 42.13 -9.38 8.96
N THR C 34 41.02 -10.09 8.82
CA THR C 34 39.78 -9.48 8.32
C THR C 34 38.68 -9.61 9.36
N ARG C 35 37.82 -8.58 9.40
CA ARG C 35 36.74 -8.57 10.38
C ARG C 35 35.67 -9.59 10.04
N SER C 36 35.51 -9.92 8.76
CA SER C 36 34.59 -10.99 8.41
C SER C 36 35.06 -12.32 8.98
N SER C 37 36.37 -12.55 8.96
CA SER C 37 36.92 -13.73 9.64
C SER C 37 36.85 -13.57 11.16
N ARG C 38 36.89 -12.34 11.65
CA ARG C 38 36.76 -12.11 13.09
C ARG C 38 35.37 -12.52 13.57
N ALA C 39 34.34 -12.20 12.80
CA ALA C 39 32.99 -12.62 13.14
C ALA C 39 32.64 -13.97 12.53
N GLY C 40 33.54 -14.56 11.75
CA GLY C 40 33.21 -15.79 11.07
C GLY C 40 32.16 -15.66 10.00
N LEU C 41 32.02 -14.47 9.41
CA LEU C 41 30.94 -14.20 8.48
C LEU C 41 31.49 -14.05 7.07
N GLN C 42 30.59 -14.15 6.10
CA GLN C 42 30.96 -14.10 4.70
C GLN C 42 30.78 -12.72 4.09
N PHE C 43 29.73 -12.00 4.47
CA PHE C 43 29.55 -10.65 3.98
C PHE C 43 30.58 -9.72 4.61
N PRO C 44 31.09 -8.74 3.85
CA PRO C 44 32.19 -7.91 4.32
C PRO C 44 31.76 -6.93 5.40
N VAL C 45 32.41 -7.01 6.54
CA VAL C 45 32.22 -6.00 7.58
C VAL C 45 32.76 -4.66 7.10
N GLY C 46 33.90 -4.68 6.42
CA GLY C 46 34.52 -3.44 5.98
C GLY C 46 33.71 -2.69 4.94
N ARG C 47 33.20 -3.39 3.93
CA ARG C 47 32.45 -2.72 2.89
C ARG C 47 31.12 -2.21 3.41
N VAL C 48 30.44 -2.99 4.25
CA VAL C 48 29.16 -2.58 4.80
C VAL C 48 29.36 -1.39 5.75
N HIS C 49 30.44 -1.42 6.54
CA HIS C 49 30.77 -0.29 7.39
C HIS C 49 31.04 0.97 6.57
N ARG C 50 31.76 0.82 5.46
CA ARG C 50 32.03 1.94 4.57
C ARG C 50 30.74 2.49 3.97
N LEU C 51 29.83 1.59 3.58
CA LEU C 51 28.57 2.02 2.99
C LEU C 51 27.70 2.74 4.01
N LEU C 52 27.71 2.28 5.26
CA LEU C 52 26.96 2.99 6.29
C LEU C 52 27.58 4.35 6.60
N ARG C 53 28.90 4.44 6.54
CA ARG C 53 29.53 5.74 6.74
C ARG C 53 29.17 6.72 5.63
N LYS C 54 29.22 6.26 4.38
CA LYS C 54 28.92 7.14 3.27
C LYS C 54 27.49 7.01 2.75
N GLY C 55 26.65 6.24 3.41
CA GLY C 55 25.24 6.27 3.09
C GLY C 55 24.47 7.35 3.77
N ASN C 56 25.15 8.16 4.59
CA ASN C 56 24.58 9.33 5.26
C ASN C 56 23.40 8.94 6.15
N TYR C 57 23.69 8.15 7.18
CA TYR C 57 22.69 7.75 8.16
C TYR C 57 23.01 8.24 9.55
N SER C 58 24.29 8.31 9.90
CA SER C 58 24.76 9.07 11.04
C SER C 58 26.21 9.41 10.79
N GLU C 59 26.68 10.45 11.49
CA GLU C 59 28.09 10.81 11.37
C GLU C 59 28.97 9.77 12.06
N ARG C 60 28.50 9.14 13.12
CA ARG C 60 29.25 8.12 13.81
C ARG C 60 28.47 6.83 13.78
N VAL C 61 29.18 5.72 13.64
CA VAL C 61 28.58 4.38 13.60
C VAL C 61 29.36 3.46 14.51
N GLY C 62 28.67 2.82 15.45
CA GLY C 62 29.34 1.91 16.37
C GLY C 62 29.84 0.66 15.68
N ALA C 63 30.86 0.06 16.29
CA ALA C 63 31.61 -1.01 15.61
C ALA C 63 30.79 -2.28 15.47
N GLY C 64 29.89 -2.54 16.41
CA GLY C 64 29.12 -3.76 16.32
C GLY C 64 28.03 -3.75 15.28
N ALA C 65 27.65 -2.55 14.82
CA ALA C 65 26.57 -2.44 13.85
C ALA C 65 26.88 -3.10 12.50
N PRO C 66 28.03 -2.88 11.84
CA PRO C 66 28.25 -3.62 10.59
C PRO C 66 28.35 -5.12 10.78
N VAL C 67 28.86 -5.57 11.93
CA VAL C 67 28.93 -7.01 12.20
C VAL C 67 27.52 -7.59 12.31
N TYR C 68 26.66 -6.92 13.08
CA TYR C 68 25.30 -7.37 13.26
C TYR C 68 24.55 -7.35 11.93
N LEU C 69 24.75 -6.29 11.15
CA LEU C 69 24.08 -6.14 9.88
C LEU C 69 24.52 -7.20 8.87
N ALA C 70 25.82 -7.48 8.82
CA ALA C 70 26.33 -8.49 7.92
C ALA C 70 25.81 -9.86 8.30
N ALA C 71 25.69 -10.13 9.60
CA ALA C 71 25.11 -11.38 10.05
C ALA C 71 23.67 -11.51 9.61
N VAL C 72 22.91 -10.41 9.72
CA VAL C 72 21.50 -10.45 9.32
C VAL C 72 21.37 -10.71 7.82
N LEU C 73 22.18 -10.04 7.02
CA LEU C 73 22.15 -10.24 5.58
C LEU C 73 22.56 -11.66 5.22
N GLU C 74 23.55 -12.22 5.91
CA GLU C 74 23.98 -13.57 5.62
C GLU C 74 22.90 -14.58 5.99
N TYR C 75 22.20 -14.33 7.10
CA TYR C 75 21.10 -15.21 7.51
C TYR C 75 19.97 -15.22 6.50
N LEU C 76 19.60 -14.02 6.03
CA LEU C 76 18.53 -13.91 5.04
C LEU C 76 18.91 -14.57 3.73
N THR C 77 20.14 -14.31 3.26
CA THR C 77 20.62 -15.00 2.07
C THR C 77 20.69 -16.49 2.30
N ALA C 78 20.96 -16.92 3.54
CA ALA C 78 21.04 -18.34 3.83
C ALA C 78 19.73 -19.04 3.52
N GLU C 79 18.61 -18.57 4.09
CA GLU C 79 17.36 -19.26 3.70
C GLU C 79 16.97 -19.06 2.25
N ILE C 80 17.11 -17.84 1.71
CA ILE C 80 16.56 -17.67 0.36
C ILE C 80 17.38 -18.45 -0.65
N LEU C 81 18.69 -18.57 -0.44
CA LEU C 81 19.52 -19.37 -1.32
C LEU C 81 19.25 -20.85 -1.15
N GLU C 82 19.07 -21.34 0.08
CA GLU C 82 18.83 -22.77 0.23
C GLU C 82 17.46 -23.15 -0.32
N LEU C 83 16.47 -22.29 -0.12
CA LEU C 83 15.14 -22.54 -0.69
C LEU C 83 15.17 -22.53 -2.22
N ALA C 84 15.95 -21.60 -2.80
CA ALA C 84 16.10 -21.60 -4.25
C ALA C 84 16.75 -22.88 -4.74
N GLY C 85 17.78 -23.35 -4.03
CA GLY C 85 18.42 -24.59 -4.41
C GLY C 85 17.50 -25.79 -4.28
N ASN C 86 16.67 -25.79 -3.24
CA ASN C 86 15.71 -26.89 -3.06
C ASN C 86 14.67 -26.90 -4.17
N ALA C 87 14.17 -25.72 -4.55
CA ALA C 87 13.19 -25.65 -5.62
C ALA C 87 13.81 -26.04 -6.96
N ALA C 88 15.09 -25.69 -7.16
CA ALA C 88 15.80 -26.11 -8.35
C ALA C 88 15.98 -27.62 -8.39
N ARG C 89 16.27 -28.22 -7.24
CA ARG C 89 16.39 -29.67 -7.16
C ARG C 89 15.05 -30.35 -7.38
N ASP C 90 13.96 -29.69 -6.98
CA ASP C 90 12.63 -30.16 -7.34
C ASP C 90 12.41 -30.07 -8.84
N ASN C 91 12.96 -29.04 -9.48
CA ASN C 91 12.90 -28.89 -10.92
C ASN C 91 14.08 -29.56 -11.61
N LYS C 92 14.89 -30.31 -10.86
CA LYS C 92 16.01 -31.12 -11.37
C LYS C 92 17.06 -30.26 -12.07
N LYS C 93 17.21 -29.02 -11.63
CA LYS C 93 18.22 -28.13 -12.14
C LYS C 93 19.29 -27.91 -11.07
N THR C 94 20.55 -28.03 -11.47
CA THR C 94 21.63 -27.68 -10.55
C THR C 94 22.01 -26.21 -10.66
N ARG C 95 21.38 -25.47 -11.55
CA ARG C 95 21.62 -24.04 -11.67
C ARG C 95 20.31 -23.31 -11.41
N ILE C 96 20.30 -22.45 -10.39
CA ILE C 96 19.06 -21.80 -10.02
C ILE C 96 18.76 -20.68 -11.01
N ILE C 97 17.48 -20.42 -11.20
CA ILE C 97 16.99 -19.54 -12.26
C ILE C 97 16.13 -18.53 -11.51
N PRO C 98 15.87 -17.34 -12.04
CA PRO C 98 14.92 -16.43 -11.36
C PRO C 98 13.54 -17.01 -11.10
N ARG C 99 13.09 -17.97 -11.91
CA ARG C 99 11.85 -18.67 -11.60
C ARG C 99 11.95 -19.39 -10.26
N HIS C 100 13.10 -20.03 -10.00
CA HIS C 100 13.31 -20.67 -8.72
C HIS C 100 13.28 -19.67 -7.59
N LEU C 101 13.83 -18.48 -7.81
CA LEU C 101 13.81 -17.45 -6.78
C LEU C 101 12.41 -16.99 -6.46
N GLN C 102 11.59 -16.79 -7.50
CA GLN C 102 10.21 -16.37 -7.27
C GLN C 102 9.41 -17.46 -6.57
N LEU C 103 9.63 -18.72 -6.97
CA LEU C 103 8.94 -19.83 -6.34
C LEU C 103 9.35 -19.96 -4.87
N ALA C 104 10.63 -19.74 -4.58
CA ALA C 104 11.09 -19.80 -3.20
C ALA C 104 10.53 -18.65 -2.37
N ILE C 105 10.54 -17.44 -2.92
CA ILE C 105 10.22 -16.27 -2.13
C ILE C 105 8.72 -16.19 -1.88
N ARG C 106 7.91 -16.74 -2.79
CA ARG C 106 6.48 -16.68 -2.56
C ARG C 106 5.98 -17.84 -1.72
N ASN C 107 6.80 -18.88 -1.54
CA ASN C 107 6.37 -20.01 -0.74
C ASN C 107 6.70 -19.86 0.75
N ASP C 108 7.44 -18.84 1.15
CA ASP C 108 7.66 -18.56 2.56
C ASP C 108 6.87 -17.33 2.94
N GLU C 109 5.93 -17.51 3.87
CA GLU C 109 4.93 -16.48 4.14
C GLU C 109 5.55 -15.24 4.78
N GLU C 110 6.52 -15.42 5.67
CA GLU C 110 7.16 -14.27 6.27
C GLU C 110 8.06 -13.54 5.28
N LEU C 111 8.78 -14.29 4.44
CA LEU C 111 9.55 -13.63 3.40
C LEU C 111 8.64 -13.00 2.36
N ASN C 112 7.48 -13.60 2.10
CA ASN C 112 6.53 -13.00 1.16
C ASN C 112 5.99 -11.70 1.73
N LYS C 113 5.73 -11.66 3.04
CA LYS C 113 5.38 -10.41 3.69
C LYS C 113 6.53 -9.42 3.63
N LEU C 114 7.77 -9.92 3.69
CA LEU C 114 8.94 -9.05 3.58
C LEU C 114 9.04 -8.42 2.20
N LEU C 115 8.68 -9.17 1.16
CA LEU C 115 8.76 -8.71 -0.21
C LEU C 115 7.40 -8.69 -0.90
N GLY C 116 6.38 -8.15 -0.22
CA GLY C 116 5.06 -8.10 -0.82
C GLY C 116 4.97 -7.14 -1.98
N ARG C 117 5.82 -6.11 -2.00
CA ARG C 117 5.75 -5.07 -3.00
C ARG C 117 6.82 -5.23 -4.07
N VAL C 118 7.55 -6.34 -4.06
CA VAL C 118 8.79 -6.46 -4.81
C VAL C 118 8.55 -7.29 -6.07
N THR C 119 9.06 -6.80 -7.20
CA THR C 119 8.93 -7.47 -8.48
C THR C 119 10.22 -8.22 -8.82
N ILE C 120 10.08 -9.51 -9.10
CA ILE C 120 11.20 -10.33 -9.54
C ILE C 120 11.17 -10.39 -11.06
N ALA C 121 12.29 -10.02 -11.68
CA ALA C 121 12.38 -10.07 -13.13
C ALA C 121 12.35 -11.51 -13.63
N GLN C 122 11.51 -11.76 -14.62
CA GLN C 122 11.29 -13.08 -15.24
C GLN C 122 10.83 -14.11 -14.23
N GLY C 123 10.22 -13.69 -13.13
CA GLY C 123 9.87 -14.62 -12.07
C GLY C 123 8.53 -15.30 -12.26
N GLY C 124 7.60 -14.65 -12.95
CA GLY C 124 6.28 -15.21 -13.08
C GLY C 124 5.55 -15.20 -11.75
N VAL C 125 4.55 -16.07 -11.66
CA VAL C 125 3.76 -16.19 -10.44
C VAL C 125 3.68 -17.67 -10.05
N LEU C 126 3.16 -17.91 -8.87
CA LEU C 126 2.97 -19.27 -8.39
C LEU C 126 1.94 -19.98 -9.25
N PRO C 127 2.02 -21.30 -9.37
CA PRO C 127 0.86 -22.03 -9.89
C PRO C 127 -0.24 -22.11 -8.84
N ASN C 128 -1.24 -21.26 -8.98
CA ASN C 128 -2.34 -21.19 -8.03
C ASN C 128 -3.56 -20.66 -8.74
N ILE C 129 -4.59 -21.50 -8.88
CA ILE C 129 -5.81 -21.12 -9.55
C ILE C 129 -6.97 -21.32 -8.58
N GLN C 130 -8.01 -20.51 -8.74
CA GLN C 130 -9.15 -20.59 -7.85
C GLN C 130 -9.95 -21.85 -8.11
N ALA C 131 -10.65 -22.32 -7.09
CA ALA C 131 -11.32 -23.62 -7.15
C ALA C 131 -12.46 -23.62 -8.16
N VAL C 132 -13.16 -22.51 -8.31
CA VAL C 132 -14.27 -22.44 -9.26
C VAL C 132 -13.76 -22.43 -10.70
N LEU C 133 -12.49 -22.06 -10.91
CA LEU C 133 -11.93 -22.07 -12.26
C LEU C 133 -11.76 -23.47 -12.81
N LEU C 134 -11.61 -24.47 -11.95
CA LEU C 134 -11.53 -25.84 -12.43
C LEU C 134 -12.92 -26.36 -12.80
N PRO C 135 -13.00 -27.26 -13.76
CA PRO C 135 -14.30 -27.87 -14.10
C PRO C 135 -14.76 -28.84 -13.03
N LYS C 136 -15.97 -29.36 -13.25
CA LYS C 136 -16.55 -30.35 -12.35
C LYS C 136 -15.78 -31.66 -12.37
N LYS D 31 42.00 0.69 -18.93
CA LYS D 31 40.92 -0.25 -18.66
C LYS D 31 39.65 0.46 -18.21
N ARG D 32 39.01 -0.10 -17.18
CA ARG D 32 37.77 0.42 -16.63
C ARG D 32 37.90 0.56 -15.11
N SER D 33 37.18 1.53 -14.58
CA SER D 33 37.10 1.69 -13.13
C SER D 33 36.31 0.54 -12.53
N ARG D 34 36.67 0.14 -11.32
CA ARG D 34 36.05 -1.02 -10.69
C ARG D 34 34.61 -0.72 -10.32
N LYS D 35 33.72 -1.65 -10.63
CA LYS D 35 32.32 -1.58 -10.24
C LYS D 35 32.11 -2.58 -9.12
N GLU D 36 31.91 -2.07 -7.91
CA GLU D 36 31.75 -2.95 -6.75
C GLU D 36 30.44 -3.70 -6.81
N SER D 37 30.46 -4.93 -6.34
CA SER D 37 29.35 -5.85 -6.49
C SER D 37 29.35 -6.85 -5.34
N TYR D 38 28.29 -7.63 -5.27
CA TYR D 38 28.15 -8.67 -4.27
C TYR D 38 28.25 -10.07 -4.85
N SER D 39 29.23 -10.30 -5.72
CA SER D 39 29.40 -11.61 -6.32
C SER D 39 29.96 -12.61 -5.33
N VAL D 40 31.13 -12.30 -4.76
CA VAL D 40 31.91 -13.31 -4.05
C VAL D 40 31.20 -13.75 -2.78
N TYR D 41 30.55 -12.82 -2.07
CA TYR D 41 29.99 -13.17 -0.78
C TYR D 41 28.76 -14.04 -0.93
N VAL D 42 27.87 -13.69 -1.85
CA VAL D 42 26.67 -14.51 -2.07
C VAL D 42 27.07 -15.86 -2.65
N TYR D 43 28.10 -15.90 -3.49
CA TYR D 43 28.56 -17.17 -4.02
C TYR D 43 29.12 -18.07 -2.92
N LYS D 44 29.90 -17.50 -1.99
CA LYS D 44 30.41 -18.32 -0.90
C LYS D 44 29.29 -18.78 0.04
N VAL D 45 28.27 -17.93 0.24
CA VAL D 45 27.13 -18.36 1.04
C VAL D 45 26.41 -19.53 0.38
N LEU D 46 26.27 -19.46 -0.95
CA LEU D 46 25.69 -20.59 -1.67
C LEU D 46 26.52 -21.84 -1.49
N LYS D 47 27.85 -21.72 -1.63
CA LYS D 47 28.72 -22.88 -1.49
C LYS D 47 28.70 -23.47 -0.09
N GLN D 48 28.45 -22.65 0.93
CA GLN D 48 28.25 -23.23 2.26
C GLN D 48 26.90 -23.92 2.37
N VAL D 49 25.83 -23.32 1.87
CA VAL D 49 24.53 -23.95 2.09
C VAL D 49 24.28 -25.07 1.09
N HIS D 50 24.87 -24.97 -0.09
CA HIS D 50 24.72 -25.99 -1.13
C HIS D 50 25.98 -25.99 -1.97
N PRO D 51 26.95 -26.85 -1.65
CA PRO D 51 28.22 -26.85 -2.40
C PRO D 51 28.07 -27.22 -3.86
N ASP D 52 27.04 -27.99 -4.20
CA ASP D 52 26.96 -28.64 -5.50
C ASP D 52 26.27 -27.82 -6.58
N THR D 53 25.42 -26.86 -6.22
CA THR D 53 24.55 -26.24 -7.21
C THR D 53 25.16 -24.93 -7.72
N GLY D 54 24.55 -24.41 -8.78
CA GLY D 54 25.01 -23.18 -9.41
C GLY D 54 23.92 -22.12 -9.49
N ILE D 55 24.31 -20.99 -10.08
CA ILE D 55 23.44 -19.83 -10.19
C ILE D 55 23.45 -19.33 -11.62
N SER D 56 22.37 -18.66 -12.01
CA SER D 56 22.45 -17.82 -13.19
C SER D 56 22.94 -16.44 -12.77
N SER D 57 23.52 -15.71 -13.74
CA SER D 57 23.96 -14.36 -13.44
C SER D 57 22.76 -13.43 -13.23
N LYS D 58 21.62 -13.76 -13.86
CA LYS D 58 20.41 -12.98 -13.64
C LYS D 58 19.85 -13.17 -12.24
N ALA D 59 19.82 -14.43 -11.78
CA ALA D 59 19.49 -14.72 -10.39
C ALA D 59 20.48 -14.04 -9.44
N MET D 60 21.74 -13.94 -9.87
CA MET D 60 22.76 -13.35 -9.04
C MET D 60 22.54 -11.84 -8.92
N GLY D 61 22.05 -11.23 -10.00
CA GLY D 61 21.64 -9.84 -9.94
C GLY D 61 20.47 -9.61 -9.02
N ILE D 62 19.51 -10.56 -9.00
CA ILE D 62 18.43 -10.46 -8.02
C ILE D 62 18.95 -10.56 -6.59
N MET D 63 19.97 -11.38 -6.35
CA MET D 63 20.61 -11.36 -5.03
C MET D 63 21.28 -10.03 -4.73
N ASN D 64 21.91 -9.41 -5.72
CA ASN D 64 22.47 -8.07 -5.50
C ASN D 64 21.39 -7.07 -5.15
N SER D 65 20.26 -7.12 -5.86
CA SER D 65 19.16 -6.20 -5.59
C SER D 65 18.53 -6.44 -4.23
N PHE D 66 18.38 -7.72 -3.86
CA PHE D 66 17.87 -8.09 -2.54
C PHE D 66 18.74 -7.55 -1.42
N VAL D 67 20.05 -7.78 -1.51
CA VAL D 67 20.92 -7.34 -0.44
C VAL D 67 20.94 -5.81 -0.36
N ASN D 68 20.94 -5.14 -1.52
CA ASN D 68 20.90 -3.69 -1.52
C ASN D 68 19.62 -3.15 -0.92
N ASP D 69 18.48 -3.78 -1.24
CA ASP D 69 17.20 -3.28 -0.75
C ASP D 69 17.07 -3.48 0.76
N ILE D 70 17.45 -4.65 1.25
CA ILE D 70 17.35 -4.88 2.69
C ILE D 70 18.34 -4.01 3.44
N PHE D 71 19.52 -3.79 2.86
CA PHE D 71 20.50 -2.89 3.46
C PHE D 71 19.94 -1.47 3.53
N GLU D 72 19.27 -1.02 2.48
CA GLU D 72 18.64 0.30 2.50
C GLU D 72 17.55 0.41 3.54
N ARG D 73 16.70 -0.61 3.65
CA ARG D 73 15.62 -0.58 4.64
C ARG D 73 16.17 -0.50 6.05
N ILE D 74 17.11 -1.39 6.38
CA ILE D 74 17.67 -1.44 7.73
C ILE D 74 18.46 -0.16 8.02
N ALA D 75 19.22 0.34 7.05
CA ALA D 75 20.00 1.55 7.28
C ALA D 75 19.11 2.77 7.47
N GLY D 76 18.03 2.87 6.70
CA GLY D 76 17.10 3.97 6.89
C GLY D 76 16.40 3.92 8.24
N GLU D 77 16.04 2.71 8.68
CA GLU D 77 15.39 2.60 9.99
C GLU D 77 16.36 2.91 11.11
N ALA D 78 17.62 2.49 10.95
CA ALA D 78 18.64 2.82 11.94
C ALA D 78 18.86 4.32 12.02
N SER D 79 18.87 4.98 10.85
CA SER D 79 19.01 6.43 10.84
C SER D 79 17.83 7.11 11.52
N ARG D 80 16.62 6.59 11.30
CA ARG D 80 15.46 7.15 11.99
C ARG D 80 15.54 6.98 13.50
N LEU D 81 15.95 5.79 13.96
CA LEU D 81 16.05 5.58 15.41
C LEU D 81 17.16 6.41 16.03
N ALA D 82 18.26 6.61 15.32
CA ALA D 82 19.29 7.52 15.83
C ALA D 82 18.77 8.96 15.87
N HIS D 83 17.94 9.31 14.89
CA HIS D 83 17.31 10.62 14.86
C HIS D 83 16.35 10.82 16.03
N TYR D 84 15.54 9.81 16.31
CA TYR D 84 14.38 10.01 17.18
C TYR D 84 14.79 10.12 18.62
N ASN D 85 15.75 9.30 19.03
CA ASN D 85 16.30 9.34 20.37
C ASN D 85 17.48 10.28 20.50
N LYS D 86 17.68 11.14 19.49
CA LYS D 86 18.72 12.18 19.48
C LYS D 86 20.11 11.58 19.65
N ARG D 87 20.34 10.45 18.99
CA ARG D 87 21.58 9.71 19.10
C ARG D 87 22.45 9.95 17.88
N SER D 88 23.72 10.24 18.13
CA SER D 88 24.67 10.55 17.09
C SER D 88 25.24 9.30 16.43
N THR D 89 24.88 8.13 16.93
CA THR D 89 25.57 6.89 16.62
C THR D 89 24.61 5.87 16.01
N ILE D 90 25.16 4.98 15.20
CA ILE D 90 24.49 3.74 14.83
C ILE D 90 25.18 2.58 15.53
N THR D 91 24.51 1.99 16.51
CA THR D 91 25.01 0.85 17.27
C THR D 91 24.20 -0.38 16.92
N SER D 92 24.63 -1.53 17.46
CA SER D 92 23.96 -2.79 17.19
C SER D 92 22.57 -2.83 17.81
N ARG D 93 22.35 -2.04 18.88
CA ARG D 93 21.07 -2.02 19.56
C ARG D 93 19.95 -1.53 18.64
N GLU D 94 20.19 -0.45 17.91
CA GLU D 94 19.11 0.14 17.14
C GLU D 94 18.86 -0.60 15.84
N ILE D 95 19.89 -1.19 15.24
CA ILE D 95 19.62 -2.03 14.08
C ILE D 95 18.96 -3.33 14.54
N GLN D 96 19.26 -3.76 15.78
CA GLN D 96 18.52 -4.86 16.38
C GLN D 96 17.05 -4.51 16.55
N THR D 97 16.79 -3.29 17.00
CA THR D 97 15.43 -2.76 17.07
C THR D 97 14.78 -2.78 15.69
N ALA D 98 15.51 -2.33 14.68
CA ALA D 98 14.96 -2.27 13.33
C ALA D 98 14.66 -3.65 12.79
N VAL D 99 15.55 -4.62 12.99
CA VAL D 99 15.33 -5.94 12.42
C VAL D 99 14.22 -6.64 13.17
N ARG D 100 14.00 -6.27 14.44
CA ARG D 100 12.80 -6.75 15.12
C ARG D 100 11.55 -6.10 14.55
N LEU D 101 11.65 -4.85 14.10
CA LEU D 101 10.50 -4.20 13.47
C LEU D 101 10.14 -4.82 12.12
N LEU D 102 11.13 -5.02 11.27
CA LEU D 102 10.83 -5.31 9.86
C LEU D 102 10.59 -6.79 9.63
N LEU D 103 11.52 -7.59 10.00
CA LEU D 103 11.45 -9.01 9.68
C LEU D 103 10.43 -9.70 10.58
N PRO D 104 9.53 -10.47 10.01
CA PRO D 104 8.48 -11.11 10.83
C PRO D 104 8.97 -12.32 11.61
N GLY D 105 8.58 -12.36 12.87
CA GLY D 105 8.67 -13.54 13.71
C GLY D 105 10.01 -14.21 13.94
N GLU D 106 10.06 -15.51 13.63
CA GLU D 106 11.27 -16.28 13.90
C GLU D 106 12.41 -15.88 13.00
N LEU D 107 12.13 -15.26 11.85
CA LEU D 107 13.19 -14.60 11.10
C LEU D 107 13.85 -13.52 11.95
N ALA D 108 13.03 -12.71 12.63
CA ALA D 108 13.58 -11.69 13.50
C ALA D 108 14.33 -12.31 14.67
N LYS D 109 13.75 -13.33 15.31
CA LYS D 109 14.39 -13.92 16.48
C LYS D 109 15.69 -14.63 16.12
N HIS D 110 15.71 -15.38 15.01
CA HIS D 110 16.93 -16.03 14.60
C HIS D 110 17.98 -15.00 14.19
N ALA D 111 17.62 -14.03 13.35
CA ALA D 111 18.56 -13.01 12.92
C ALA D 111 19.16 -12.27 14.10
N VAL D 112 18.34 -12.06 15.14
CA VAL D 112 18.86 -11.64 16.44
C VAL D 112 19.89 -12.62 16.96
N SER D 113 19.60 -13.93 16.85
CA SER D 113 20.53 -14.92 17.43
C SER D 113 21.88 -14.94 16.71
N GLU D 114 21.88 -14.98 15.37
CA GLU D 114 23.17 -14.93 14.68
C GLU D 114 23.86 -13.59 14.85
N GLY D 115 23.09 -12.49 14.95
CA GLY D 115 23.73 -11.22 15.18
C GLY D 115 24.42 -11.14 16.54
N THR D 116 23.76 -11.65 17.58
CA THR D 116 24.36 -11.67 18.90
C THR D 116 25.57 -12.59 18.96
N LYS D 117 25.48 -13.80 18.38
CA LYS D 117 26.65 -14.68 18.45
C LYS D 117 27.79 -14.12 17.61
N ALA D 118 27.47 -13.43 16.51
CA ALA D 118 28.50 -12.80 15.69
C ALA D 118 29.17 -11.66 16.43
N VAL D 119 28.40 -10.83 17.13
CA VAL D 119 29.02 -9.70 17.80
C VAL D 119 29.82 -10.17 19.02
N THR D 120 29.37 -11.25 19.67
CA THR D 120 30.17 -11.80 20.76
C THR D 120 31.45 -12.43 20.25
N LYS D 121 31.41 -13.06 19.07
CA LYS D 121 32.64 -13.54 18.46
C LYS D 121 33.55 -12.39 18.09
N TYR D 122 32.98 -11.27 17.66
CA TYR D 122 33.79 -10.12 17.29
C TYR D 122 34.43 -9.47 18.52
N THR D 123 33.72 -9.47 19.65
CA THR D 123 34.32 -9.00 20.89
C THR D 123 35.41 -9.94 21.37
N SER D 124 35.35 -11.21 20.96
CA SER D 124 36.44 -12.12 21.21
C SER D 124 37.54 -12.01 20.15
N ALA D 125 37.36 -11.10 19.19
CA ALA D 125 38.32 -10.81 18.12
C ALA D 125 38.71 -12.04 17.32
N LYS E 38 -14.91 -36.09 -38.12
CA LYS E 38 -15.07 -34.69 -37.74
C LYS E 38 -13.74 -34.10 -37.26
N PRO E 39 -13.55 -32.80 -37.52
CA PRO E 39 -12.40 -32.11 -36.91
C PRO E 39 -12.60 -31.99 -35.41
N HIS E 40 -11.53 -32.20 -34.66
CA HIS E 40 -11.66 -32.22 -33.21
C HIS E 40 -11.63 -30.81 -32.65
N ARG E 41 -12.33 -30.63 -31.53
CA ARG E 41 -12.49 -29.32 -30.91
C ARG E 41 -12.67 -29.52 -29.41
N TYR E 42 -11.86 -28.83 -28.60
CA TYR E 42 -12.06 -28.86 -27.16
C TYR E 42 -13.12 -27.84 -26.77
N ARG E 43 -13.82 -28.13 -25.68
CA ARG E 43 -14.87 -27.24 -25.19
C ARG E 43 -14.26 -25.93 -24.67
N PRO E 44 -15.03 -24.84 -24.68
CA PRO E 44 -14.49 -23.55 -24.21
C PRO E 44 -14.04 -23.59 -22.77
N GLY E 45 -12.94 -22.91 -22.50
CA GLY E 45 -12.41 -22.75 -21.17
C GLY E 45 -11.29 -23.68 -20.80
N THR E 46 -11.42 -24.98 -21.11
CA THR E 46 -10.34 -25.91 -20.75
C THR E 46 -9.08 -25.64 -21.57
N VAL E 47 -9.25 -25.19 -22.82
CA VAL E 47 -8.12 -24.64 -23.54
C VAL E 47 -7.58 -23.44 -22.80
N ALA E 48 -8.47 -22.54 -22.37
CA ALA E 48 -8.05 -21.31 -21.70
C ALA E 48 -7.31 -21.62 -20.41
N LEU E 49 -7.79 -22.61 -19.64
CA LEU E 49 -7.04 -23.06 -18.48
C LEU E 49 -5.69 -23.65 -18.87
N ARG E 50 -5.62 -24.29 -20.04
CA ARG E 50 -4.33 -24.80 -20.47
C ARG E 50 -3.34 -23.67 -20.76
N GLU E 51 -3.79 -22.56 -21.37
CA GLU E 51 -2.84 -21.43 -21.47
C GLU E 51 -2.56 -20.82 -20.11
N ILE E 52 -3.51 -20.86 -19.18
CA ILE E 52 -3.24 -20.37 -17.82
C ILE E 52 -2.07 -21.12 -17.21
N ARG E 53 -2.13 -22.45 -17.27
CA ARG E 53 -1.03 -23.27 -16.76
C ARG E 53 0.25 -23.01 -17.54
N ARG E 54 0.14 -22.91 -18.88
CA ARG E 54 1.31 -22.81 -19.74
C ARG E 54 2.09 -21.53 -19.48
N TYR E 55 1.41 -20.38 -19.52
CA TYR E 55 2.15 -19.17 -19.21
C TYR E 55 2.37 -18.97 -17.71
N GLN E 56 1.66 -19.68 -16.85
CA GLN E 56 1.87 -19.43 -15.43
C GLN E 56 3.08 -20.15 -14.89
N LYS E 57 3.42 -21.33 -15.43
CA LYS E 57 4.68 -21.94 -15.03
C LYS E 57 5.85 -21.29 -15.76
N SER E 58 5.59 -20.56 -16.83
CA SER E 58 6.64 -20.04 -17.69
C SER E 58 7.19 -18.74 -17.14
N THR E 59 8.27 -18.26 -17.78
CA THR E 59 9.01 -17.10 -17.32
C THR E 59 9.13 -15.99 -18.35
N GLU E 60 8.81 -16.24 -19.61
CA GLU E 60 9.21 -15.35 -20.69
C GLU E 60 8.34 -14.09 -20.75
N LEU E 61 8.70 -13.20 -21.67
CA LEU E 61 7.92 -12.01 -21.93
C LEU E 61 6.61 -12.39 -22.60
N LEU E 62 5.57 -11.60 -22.33
CA LEU E 62 4.25 -11.91 -22.86
C LEU E 62 3.81 -10.96 -23.97
N ILE E 63 4.40 -9.79 -24.06
CA ILE E 63 4.09 -8.83 -25.09
C ILE E 63 5.25 -8.70 -26.05
N ARG E 64 4.97 -8.17 -27.24
CA ARG E 64 6.00 -7.97 -28.25
C ARG E 64 6.98 -6.90 -27.80
N LYS E 65 8.26 -7.10 -28.11
CA LYS E 65 9.29 -6.20 -27.57
C LYS E 65 9.32 -4.87 -28.30
N LEU E 66 9.42 -4.90 -29.62
CA LEU E 66 9.68 -3.69 -30.37
C LEU E 66 8.45 -2.77 -30.47
N PRO E 67 7.20 -3.28 -30.60
CA PRO E 67 6.07 -2.36 -30.40
C PRO E 67 6.00 -1.74 -29.01
N PHE E 68 6.42 -2.48 -27.97
CA PHE E 68 6.54 -1.87 -26.65
C PHE E 68 7.56 -0.75 -26.65
N GLN E 69 8.69 -0.96 -27.33
CA GLN E 69 9.70 0.09 -27.42
C GLN E 69 9.17 1.30 -28.17
N ARG E 70 8.39 1.07 -29.23
CA ARG E 70 7.76 2.16 -29.96
C ARG E 70 6.80 2.94 -29.07
N LEU E 71 5.98 2.22 -28.30
CA LEU E 71 5.03 2.87 -27.41
C LEU E 71 5.74 3.68 -26.33
N VAL E 72 6.81 3.12 -25.77
CA VAL E 72 7.57 3.80 -24.73
C VAL E 72 8.20 5.07 -25.27
N ARG E 73 8.79 4.99 -26.47
CA ARG E 73 9.39 6.19 -27.05
C ARG E 73 8.35 7.26 -27.38
N GLU E 74 7.21 6.85 -27.92
CA GLU E 74 6.23 7.86 -28.34
C GLU E 74 5.59 8.52 -27.14
N ILE E 75 5.39 7.78 -26.05
CA ILE E 75 4.83 8.40 -24.86
C ILE E 75 5.90 9.18 -24.11
N ALA E 76 7.17 8.81 -24.30
CA ALA E 76 8.25 9.51 -23.61
C ALA E 76 8.54 10.86 -24.26
N GLN E 77 8.42 10.92 -25.59
CA GLN E 77 8.77 12.14 -26.31
C GLN E 77 7.80 13.28 -26.04
N ASP E 78 6.66 13.00 -25.40
CA ASP E 78 5.73 14.02 -24.98
C ASP E 78 6.26 14.86 -23.82
N PHE E 79 7.33 14.42 -23.17
CA PHE E 79 7.94 15.20 -22.08
C PHE E 79 9.24 15.86 -22.50
N LYS E 80 10.16 15.08 -23.04
CA LYS E 80 11.42 15.63 -23.51
C LYS E 80 11.68 15.04 -24.89
N THR E 81 12.05 15.88 -25.84
CA THR E 81 12.19 15.40 -27.20
C THR E 81 13.51 14.67 -27.37
N ASP E 82 13.50 13.74 -28.35
CA ASP E 82 14.67 12.96 -28.77
C ASP E 82 15.27 12.19 -27.59
N LEU E 83 14.42 11.58 -26.77
CA LEU E 83 14.93 10.75 -25.69
C LEU E 83 15.45 9.44 -26.25
N ARG E 84 16.59 9.01 -25.71
CA ARG E 84 17.22 7.79 -26.14
C ARG E 84 17.17 6.79 -24.99
N PHE E 85 16.99 5.52 -25.33
CA PHE E 85 16.71 4.49 -24.35
C PHE E 85 17.74 3.39 -24.45
N GLN E 86 18.29 3.00 -23.31
CA GLN E 86 19.03 1.75 -23.24
C GLN E 86 18.08 0.59 -23.51
N SER E 87 18.59 -0.44 -24.18
CA SER E 87 17.78 -1.63 -24.40
C SER E 87 17.41 -2.29 -23.09
N SER E 88 18.33 -2.29 -22.13
CA SER E 88 18.05 -2.77 -20.79
C SER E 88 16.98 -1.93 -20.11
N ALA E 89 16.94 -0.63 -20.39
CA ALA E 89 15.94 0.24 -19.78
C ALA E 89 14.54 -0.08 -20.29
N VAL E 90 14.40 -0.26 -21.60
CA VAL E 90 13.13 -0.69 -22.18
C VAL E 90 12.75 -2.06 -21.64
N MET E 91 13.75 -2.93 -21.45
CA MET E 91 13.51 -4.23 -20.83
C MET E 91 12.93 -4.09 -19.44
N ALA E 92 13.59 -3.31 -18.58
CA ALA E 92 13.15 -3.12 -17.20
C ALA E 92 11.75 -2.56 -17.13
N LEU E 93 11.48 -1.54 -17.95
CA LEU E 93 10.18 -0.93 -17.98
C LEU E 93 9.15 -1.93 -18.46
N GLN E 94 9.56 -2.86 -19.33
CA GLN E 94 8.67 -3.93 -19.72
C GLN E 94 8.29 -4.78 -18.52
N GLU E 95 9.25 -5.41 -17.81
CA GLU E 95 8.78 -6.40 -16.81
C GLU E 95 8.10 -5.70 -15.65
N ALA E 96 8.47 -4.44 -15.38
CA ALA E 96 7.72 -3.63 -14.43
C ALA E 96 6.28 -3.46 -14.90
N SER E 97 6.09 -3.23 -16.20
CA SER E 97 4.74 -3.05 -16.73
C SER E 97 3.92 -4.32 -16.58
N GLU E 98 4.42 -5.48 -17.03
CA GLU E 98 3.53 -6.63 -16.88
C GLU E 98 3.45 -7.08 -15.43
N ALA E 99 4.40 -6.67 -14.59
CA ALA E 99 4.25 -6.94 -13.17
C ALA E 99 3.05 -6.20 -12.59
N TYR E 100 2.94 -4.90 -12.87
CA TYR E 100 1.81 -4.15 -12.35
C TYR E 100 0.51 -4.64 -12.98
N LEU E 101 0.52 -4.91 -14.30
CA LEU E 101 -0.67 -5.46 -14.93
C LEU E 101 -1.08 -6.81 -14.35
N VAL E 102 -0.12 -7.72 -14.12
CA VAL E 102 -0.50 -9.06 -13.72
C VAL E 102 -1.05 -9.05 -12.31
N GLY E 103 -0.48 -8.19 -11.43
CA GLY E 103 -1.01 -8.02 -10.09
C GLY E 103 -2.41 -7.47 -10.12
N LEU E 104 -2.66 -6.53 -11.02
CA LEU E 104 -4.00 -6.03 -11.24
C LEU E 104 -4.93 -7.15 -11.70
N PHE E 105 -4.42 -8.12 -12.48
CA PHE E 105 -5.38 -9.15 -12.88
C PHE E 105 -5.67 -10.19 -11.80
N GLU E 106 -4.75 -10.54 -10.89
CA GLU E 106 -5.28 -11.43 -9.83
C GLU E 106 -6.20 -10.66 -8.90
N ASP E 107 -5.97 -9.36 -8.73
CA ASP E 107 -6.90 -8.55 -7.94
C ASP E 107 -8.28 -8.52 -8.58
N THR E 108 -8.34 -8.33 -9.89
CA THR E 108 -9.64 -8.34 -10.57
C THR E 108 -10.20 -9.75 -10.67
N ASN E 109 -9.35 -10.78 -10.62
CA ASN E 109 -9.83 -12.15 -10.55
C ASN E 109 -10.59 -12.38 -9.26
N LEU E 110 -10.02 -11.90 -8.15
CA LEU E 110 -10.71 -11.97 -6.86
C LEU E 110 -12.00 -11.18 -6.91
N ALA E 111 -11.98 -10.03 -7.58
CA ALA E 111 -13.20 -9.26 -7.79
C ALA E 111 -14.23 -10.06 -8.57
N ALA E 112 -13.79 -10.78 -9.59
CA ALA E 112 -14.71 -11.49 -10.46
C ALA E 112 -15.38 -12.66 -9.75
N ILE E 113 -14.59 -13.47 -9.02
CA ILE E 113 -15.20 -14.58 -8.31
C ILE E 113 -16.02 -14.04 -7.16
N HIS E 114 -15.64 -12.86 -6.65
CA HIS E 114 -16.38 -12.23 -5.58
C HIS E 114 -17.78 -11.85 -6.02
N ALA E 115 -17.94 -11.45 -7.27
CA ALA E 115 -19.25 -11.19 -7.84
C ALA E 115 -19.88 -12.44 -8.44
N LYS E 116 -19.40 -13.63 -8.03
CA LYS E 116 -19.89 -14.93 -8.49
C LYS E 116 -19.80 -15.08 -10.01
N ARG E 117 -18.80 -14.43 -10.62
CA ARG E 117 -18.59 -14.48 -12.05
C ARG E 117 -17.22 -15.06 -12.35
N VAL E 118 -17.03 -15.46 -13.60
CA VAL E 118 -15.73 -15.94 -14.05
C VAL E 118 -15.12 -15.08 -15.13
N THR E 119 -15.89 -14.23 -15.78
CA THR E 119 -15.35 -13.27 -16.74
C THR E 119 -15.11 -11.96 -16.02
N ILE E 120 -13.91 -11.42 -16.18
CA ILE E 120 -13.63 -10.10 -15.61
C ILE E 120 -14.36 -9.06 -16.44
N MET E 121 -14.68 -7.94 -15.80
CA MET E 121 -15.40 -6.84 -16.42
C MET E 121 -14.66 -5.55 -16.06
N PRO E 122 -14.90 -4.47 -16.82
CA PRO E 122 -14.25 -3.20 -16.47
C PRO E 122 -14.55 -2.68 -15.08
N LYS E 123 -15.78 -2.91 -14.58
CA LYS E 123 -16.11 -2.46 -13.23
C LYS E 123 -15.25 -3.17 -12.18
N ASP E 124 -14.84 -4.41 -12.45
CA ASP E 124 -13.83 -5.06 -11.62
C ASP E 124 -12.53 -4.27 -11.62
N ILE E 125 -12.18 -3.68 -12.76
CA ILE E 125 -10.94 -2.94 -12.83
C ILE E 125 -11.02 -1.67 -11.99
N GLN E 126 -12.10 -0.89 -12.12
CA GLN E 126 -12.19 0.30 -11.26
C GLN E 126 -12.30 -0.08 -9.79
N LEU E 127 -12.94 -1.23 -9.50
CA LEU E 127 -12.97 -1.71 -8.12
C LEU E 127 -11.57 -1.96 -7.59
N ALA E 128 -10.76 -2.70 -8.33
CA ALA E 128 -9.40 -3.02 -7.89
C ALA E 128 -8.55 -1.77 -7.77
N ARG E 129 -8.69 -0.86 -8.73
CA ARG E 129 -7.94 0.39 -8.71
C ARG E 129 -8.33 1.24 -7.52
N ARG E 130 -9.62 1.26 -7.17
CA ARG E 130 -10.04 2.12 -6.07
C ARG E 130 -9.70 1.50 -4.73
N ILE E 131 -9.76 0.18 -4.61
CA ILE E 131 -9.33 -0.46 -3.36
C ILE E 131 -7.84 -0.28 -3.16
N ARG E 132 -7.05 -0.33 -4.24
CA ARG E 132 -5.64 0.00 -4.10
C ARG E 132 -5.40 1.47 -3.82
N GLY E 133 -6.40 2.32 -4.06
CA GLY E 133 -6.25 3.73 -3.80
C GLY E 133 -5.55 4.51 -4.87
N GLU E 134 -5.63 4.05 -6.12
CA GLU E 134 -4.92 4.71 -7.22
C GLU E 134 -5.56 6.04 -7.56
N LYS F 21 9.29 10.13 -37.68
CA LYS F 21 9.73 10.78 -36.46
C LYS F 21 8.63 10.80 -35.42
N VAL F 22 7.49 11.42 -35.76
CA VAL F 22 6.37 11.49 -34.82
C VAL F 22 5.53 10.22 -34.93
N LEU F 23 5.01 9.79 -33.79
CA LEU F 23 4.10 8.65 -33.70
C LEU F 23 2.82 9.10 -33.02
N ARG F 24 1.71 8.57 -33.48
CA ARG F 24 0.37 8.99 -33.06
C ARG F 24 -0.43 7.91 -32.34
N ASP F 25 -0.23 6.63 -32.69
CA ASP F 25 -0.94 5.56 -31.97
C ASP F 25 -0.06 4.31 -32.00
N ASN F 26 0.56 4.01 -30.85
CA ASN F 26 1.21 2.73 -30.65
C ASN F 26 0.61 1.94 -29.50
N ILE F 27 -0.40 2.47 -28.82
CA ILE F 27 -1.00 1.75 -27.70
C ILE F 27 -1.83 0.59 -28.22
N GLN F 28 -2.30 0.67 -29.46
CA GLN F 28 -2.87 -0.50 -30.10
C GLN F 28 -1.82 -1.52 -30.50
N GLY F 29 -0.54 -1.16 -30.43
CA GLY F 29 0.53 -2.13 -30.59
C GLY F 29 0.60 -3.15 -29.47
N ILE F 30 0.02 -2.85 -28.31
CA ILE F 30 -0.17 -3.86 -27.27
C ILE F 30 -1.41 -4.63 -27.70
N THR F 31 -1.19 -5.76 -28.35
CA THR F 31 -2.25 -6.44 -29.07
C THR F 31 -3.21 -7.13 -28.10
N LYS F 32 -4.41 -7.36 -28.60
CA LYS F 32 -5.42 -8.14 -27.88
C LYS F 32 -4.95 -9.54 -27.49
N PRO F 33 -4.26 -10.33 -28.34
CA PRO F 33 -3.69 -11.58 -27.82
C PRO F 33 -2.65 -11.39 -26.74
N ALA F 34 -1.88 -10.30 -26.78
CA ALA F 34 -0.92 -10.05 -25.70
C ALA F 34 -1.62 -9.80 -24.38
N ILE F 35 -2.70 -9.01 -24.42
CA ILE F 35 -3.51 -8.80 -23.22
C ILE F 35 -4.13 -10.11 -22.76
N ARG F 36 -4.55 -10.95 -23.70
CA ARG F 36 -5.10 -12.24 -23.33
C ARG F 36 -4.05 -13.10 -22.65
N ARG F 37 -2.82 -13.09 -23.15
CA ARG F 37 -1.74 -13.84 -22.52
C ARG F 37 -1.45 -13.32 -21.12
N LEU F 38 -1.50 -12.00 -20.95
CA LEU F 38 -1.27 -11.41 -19.63
C LEU F 38 -2.35 -11.85 -18.65
N ALA F 39 -3.59 -11.88 -19.09
CA ALA F 39 -4.67 -12.34 -18.23
C ALA F 39 -4.55 -13.83 -17.94
N ARG F 40 -4.06 -14.61 -18.90
CA ARG F 40 -3.84 -16.03 -18.67
C ARG F 40 -2.76 -16.24 -17.63
N ARG F 41 -1.76 -15.36 -17.59
CA ARG F 41 -0.82 -15.40 -16.48
C ARG F 41 -1.52 -15.01 -15.19
N GLY F 42 -2.47 -14.09 -15.25
CA GLY F 42 -3.18 -13.69 -14.06
C GLY F 42 -4.22 -14.68 -13.57
N GLY F 43 -4.40 -15.81 -14.24
CA GLY F 43 -5.40 -16.76 -13.82
C GLY F 43 -6.79 -16.48 -14.33
N VAL F 44 -6.92 -15.60 -15.30
CA VAL F 44 -8.23 -15.22 -15.83
C VAL F 44 -8.71 -16.30 -16.78
N LYS F 45 -9.90 -16.83 -16.53
CA LYS F 45 -10.49 -17.79 -17.45
C LYS F 45 -11.11 -17.12 -18.66
N ARG F 46 -11.85 -16.04 -18.47
CA ARG F 46 -12.63 -15.44 -19.55
C ARG F 46 -12.46 -13.92 -19.50
N ILE F 47 -12.33 -13.31 -20.67
CA ILE F 47 -12.05 -11.88 -20.78
C ILE F 47 -13.19 -11.25 -21.57
N SER F 48 -13.81 -10.22 -21.01
CA SER F 48 -14.83 -9.50 -21.75
C SER F 48 -14.21 -8.69 -22.88
N GLY F 49 -15.05 -8.34 -23.86
CA GLY F 49 -14.57 -7.54 -24.97
C GLY F 49 -14.22 -6.12 -24.59
N LEU F 50 -14.82 -5.59 -23.52
CA LEU F 50 -14.58 -4.22 -23.09
C LEU F 50 -13.31 -4.09 -22.26
N ILE F 51 -12.61 -5.20 -22.01
CA ILE F 51 -11.45 -5.17 -21.13
C ILE F 51 -10.28 -4.46 -21.76
N TYR F 52 -10.04 -4.69 -23.05
CA TYR F 52 -8.75 -4.41 -23.67
C TYR F 52 -8.43 -2.92 -23.69
N GLU F 53 -9.41 -2.09 -24.02
CA GLU F 53 -9.15 -0.67 -24.13
C GLU F 53 -8.91 -0.03 -22.76
N GLU F 54 -9.59 -0.50 -21.72
CA GLU F 54 -9.36 0.10 -20.41
C GLU F 54 -8.07 -0.43 -19.81
N THR F 55 -7.67 -1.66 -20.17
CA THR F 55 -6.33 -2.10 -19.82
C THR F 55 -5.27 -1.25 -20.52
N ARG F 56 -5.55 -0.85 -21.76
CA ARG F 56 -4.67 0.12 -22.42
C ARG F 56 -4.64 1.44 -21.66
N GLY F 57 -5.79 1.86 -21.15
CA GLY F 57 -5.83 3.10 -20.38
C GLY F 57 -5.03 3.02 -19.08
N VAL F 58 -5.19 1.91 -18.36
CA VAL F 58 -4.49 1.79 -17.08
C VAL F 58 -2.99 1.63 -17.31
N LEU F 59 -2.61 0.97 -18.41
CA LEU F 59 -1.19 0.83 -18.66
C LEU F 59 -0.58 2.15 -19.12
N LYS F 60 -1.32 2.94 -19.90
CA LYS F 60 -0.76 4.23 -20.29
C LYS F 60 -0.69 5.17 -19.10
N VAL F 61 -1.60 5.02 -18.14
CA VAL F 61 -1.49 5.78 -16.89
C VAL F 61 -0.25 5.37 -16.10
N PHE F 62 -0.03 4.06 -15.96
CA PHE F 62 1.12 3.58 -15.22
C PHE F 62 2.43 3.98 -15.88
N LEU F 63 2.50 3.80 -17.21
CA LEU F 63 3.68 4.21 -17.95
C LEU F 63 3.89 5.71 -17.89
N GLU F 64 2.80 6.49 -17.97
CA GLU F 64 2.84 7.93 -17.75
C GLU F 64 3.50 8.29 -16.43
N ASN F 65 3.02 7.67 -15.35
CA ASN F 65 3.53 7.98 -14.02
C ASN F 65 4.99 7.60 -13.88
N VAL F 66 5.39 6.47 -14.44
CA VAL F 66 6.76 6.03 -14.22
C VAL F 66 7.73 6.80 -15.12
N ILE F 67 7.30 7.18 -16.33
CA ILE F 67 8.29 7.83 -17.18
C ILE F 67 8.42 9.29 -16.80
N ARG F 68 7.36 9.91 -16.27
CA ARG F 68 7.49 11.28 -15.77
C ARG F 68 8.54 11.33 -14.69
N ASP F 69 8.49 10.35 -13.78
CA ASP F 69 9.50 10.20 -12.75
C ASP F 69 10.87 9.97 -13.36
N ALA F 70 10.99 8.96 -14.22
CA ALA F 70 12.29 8.52 -14.72
C ALA F 70 12.96 9.60 -15.56
N VAL F 71 12.17 10.29 -16.38
CA VAL F 71 12.66 11.43 -17.13
C VAL F 71 13.07 12.54 -16.18
N THR F 72 12.33 12.74 -15.08
CA THR F 72 12.72 13.79 -14.14
C THR F 72 14.09 13.50 -13.54
N TYR F 73 14.38 12.24 -13.25
CA TYR F 73 15.75 11.85 -12.94
C TYR F 73 16.69 12.07 -14.13
N THR F 74 16.17 11.86 -15.35
CA THR F 74 17.06 11.76 -16.50
C THR F 74 17.67 13.11 -16.86
N GLU F 75 16.85 14.15 -17.04
CA GLU F 75 17.48 15.48 -17.13
C GLU F 75 17.85 16.03 -15.75
N HIS F 76 17.49 15.34 -14.66
CA HIS F 76 18.18 15.70 -13.43
C HIS F 76 19.65 15.30 -13.49
N ALA F 77 19.98 14.25 -14.24
CA ALA F 77 21.37 13.85 -14.37
C ALA F 77 22.10 14.59 -15.49
N LYS F 78 21.45 15.57 -16.14
CA LYS F 78 21.97 16.28 -17.31
C LYS F 78 22.30 15.33 -18.45
N ARG F 79 21.55 14.25 -18.57
CA ARG F 79 21.79 13.21 -19.54
C ARG F 79 20.53 13.01 -20.38
N LYS F 80 20.72 12.80 -21.69
CA LYS F 80 19.61 12.68 -22.60
C LYS F 80 19.24 11.22 -22.88
N THR F 81 19.98 10.28 -22.32
CA THR F 81 19.73 8.86 -22.50
C THR F 81 19.01 8.29 -21.29
N VAL F 82 17.87 7.67 -21.50
CA VAL F 82 17.17 7.01 -20.40
C VAL F 82 17.89 5.73 -20.06
N THR F 83 18.29 5.58 -18.80
CA THR F 83 18.98 4.39 -18.34
C THR F 83 18.06 3.51 -17.52
N ALA F 84 18.49 2.25 -17.35
CA ALA F 84 17.66 1.28 -16.63
C ALA F 84 17.56 1.62 -15.15
N MET F 85 18.64 2.15 -14.57
CA MET F 85 18.64 2.52 -13.17
C MET F 85 17.61 3.60 -12.88
N ASP F 86 17.34 4.45 -13.87
CA ASP F 86 16.30 5.46 -13.73
C ASP F 86 14.92 4.82 -13.61
N VAL F 87 14.66 3.78 -14.40
CA VAL F 87 13.39 3.07 -14.28
C VAL F 87 13.32 2.36 -12.93
N VAL F 88 14.45 1.82 -12.47
CA VAL F 88 14.50 1.17 -11.16
C VAL F 88 14.16 2.16 -10.06
N TYR F 89 14.73 3.36 -10.12
CA TYR F 89 14.45 4.36 -9.11
C TYR F 89 13.02 4.87 -9.20
N ALA F 90 12.49 4.97 -10.42
CA ALA F 90 11.11 5.43 -10.60
C ALA F 90 10.14 4.44 -9.99
N LEU F 91 10.40 3.14 -10.15
CA LEU F 91 9.55 2.16 -9.49
C LEU F 91 9.80 2.11 -7.99
N LYS F 92 11.03 2.42 -7.56
CA LYS F 92 11.35 2.36 -6.13
C LYS F 92 10.66 3.48 -5.38
N ARG F 93 10.57 4.67 -5.98
CA ARG F 93 9.72 5.71 -5.42
C ARG F 93 8.27 5.25 -5.39
N GLN F 94 7.80 4.66 -6.48
CA GLN F 94 6.38 4.46 -6.68
C GLN F 94 5.88 3.21 -5.96
N GLY F 95 6.70 2.59 -5.13
CA GLY F 95 6.26 1.50 -4.28
C GLY F 95 6.17 0.16 -4.96
N ARG F 96 6.79 0.00 -6.11
CA ARG F 96 6.67 -1.20 -6.93
C ARG F 96 8.05 -1.64 -7.38
N THR F 97 8.93 -1.76 -6.39
CA THR F 97 10.35 -2.05 -6.59
C THR F 97 10.59 -3.31 -7.40
N LEU F 98 11.57 -3.24 -8.28
CA LEU F 98 11.88 -4.29 -9.23
C LEU F 98 13.23 -4.88 -8.90
N TYR F 99 13.31 -6.20 -8.87
CA TYR F 99 14.58 -6.87 -8.68
C TYR F 99 15.14 -7.35 -10.01
N GLY F 100 16.46 -7.36 -10.09
CA GLY F 100 17.18 -7.88 -11.24
C GLY F 100 18.16 -6.89 -11.85
N PHE F 101 17.85 -5.60 -11.88
CA PHE F 101 18.75 -4.61 -12.43
C PHE F 101 19.22 -3.59 -11.41
N GLY F 102 19.15 -3.92 -10.12
CA GLY F 102 19.74 -3.05 -9.13
C GLY F 102 21.25 -2.98 -9.28
N GLY F 103 21.70 -1.86 -9.82
CA GLY F 103 23.09 -1.72 -10.21
C GLY F 103 23.27 -1.95 -11.70
N ALA G 28 31.11 49.15 12.59
CA ALA G 28 31.86 48.02 13.13
C ALA G 28 31.24 46.70 12.68
N ARG G 29 29.91 46.65 12.73
CA ARG G 29 29.18 45.46 12.31
C ARG G 29 27.88 45.88 11.65
N ALA G 30 27.53 45.19 10.58
CA ALA G 30 26.28 45.46 9.89
C ALA G 30 25.10 45.00 10.75
N LYS G 31 23.97 45.70 10.58
CA LYS G 31 22.76 45.32 11.31
C LYS G 31 22.22 44.01 10.75
N ALA G 32 21.70 43.17 11.63
CA ALA G 32 21.31 41.82 11.25
C ALA G 32 20.06 41.83 10.38
N LYS G 33 20.12 41.10 9.28
CA LYS G 33 19.01 40.97 8.34
C LYS G 33 18.70 39.50 8.17
N THR G 34 17.44 39.13 8.37
CA THR G 34 17.04 37.73 8.28
C THR G 34 16.92 37.33 6.82
N ARG G 35 17.27 36.07 6.55
CA ARG G 35 17.28 35.56 5.19
C ARG G 35 15.87 35.37 4.64
N SER G 36 14.91 35.06 5.52
CA SER G 36 13.53 34.93 5.07
C SER G 36 12.97 36.27 4.60
N SER G 37 13.34 37.35 5.28
CA SER G 37 12.94 38.67 4.82
C SER G 37 13.68 39.06 3.55
N ARG G 38 14.91 38.58 3.39
CA ARG G 38 15.62 38.77 2.12
C ARG G 38 14.87 38.09 0.98
N ALA G 39 14.39 36.87 1.21
CA ALA G 39 13.58 36.19 0.22
C ALA G 39 12.15 36.71 0.18
N GLY G 40 11.77 37.60 1.09
CA GLY G 40 10.40 38.04 1.18
C GLY G 40 9.45 36.95 1.60
N LEU G 41 9.91 36.04 2.44
CA LEU G 41 9.11 34.90 2.86
C LEU G 41 8.93 34.90 4.37
N GLN G 42 7.83 34.29 4.81
CA GLN G 42 7.60 34.13 6.24
C GLN G 42 8.35 32.95 6.81
N PHE G 43 8.45 31.86 6.05
CA PHE G 43 8.99 30.61 6.56
C PHE G 43 10.48 30.71 6.84
N PRO G 44 10.96 30.05 7.90
CA PRO G 44 12.32 30.29 8.38
C PRO G 44 13.36 29.66 7.48
N VAL G 45 14.13 30.49 6.82
CA VAL G 45 15.27 29.99 6.05
C VAL G 45 16.30 29.38 6.98
N GLY G 46 16.59 30.06 8.09
CA GLY G 46 17.60 29.58 9.01
C GLY G 46 17.23 28.27 9.67
N ARG G 47 15.97 28.14 10.11
CA ARG G 47 15.57 26.93 10.82
C ARG G 47 15.52 25.73 9.87
N VAL G 48 15.00 25.93 8.66
CA VAL G 48 14.96 24.83 7.68
C VAL G 48 16.36 24.42 7.28
N HIS G 49 17.25 25.40 7.07
CA HIS G 49 18.64 25.11 6.80
C HIS G 49 19.28 24.30 7.92
N ARG G 50 19.06 24.72 9.17
CA ARG G 50 19.64 24.04 10.32
C ARG G 50 19.09 22.62 10.47
N LEU G 51 17.80 22.44 10.18
CA LEU G 51 17.21 21.10 10.19
C LEU G 51 17.85 20.22 9.13
N LEU G 52 18.12 20.79 7.96
CA LEU G 52 18.82 20.01 6.93
C LEU G 52 20.24 19.67 7.36
N ARG G 53 20.89 20.53 8.15
CA ARG G 53 22.19 20.12 8.66
C ARG G 53 22.07 18.97 9.65
N LYS G 54 21.05 18.99 10.51
CA LYS G 54 20.87 17.91 11.47
C LYS G 54 19.76 16.94 11.09
N GLY G 55 19.27 16.98 9.86
CA GLY G 55 18.46 15.88 9.39
C GLY G 55 19.21 14.78 8.69
N ASN G 56 20.55 14.91 8.59
CA ASN G 56 21.44 13.88 8.08
C ASN G 56 21.15 13.52 6.63
N TYR G 57 21.06 14.53 5.76
CA TYR G 57 20.72 14.29 4.38
C TYR G 57 21.88 14.49 3.43
N SER G 58 22.77 15.43 3.71
CA SER G 58 23.95 15.62 2.87
C SER G 58 25.06 16.21 3.71
N GLU G 59 26.28 16.08 3.20
CA GLU G 59 27.41 16.75 3.83
C GLU G 59 27.36 18.25 3.62
N ARG G 60 26.99 18.68 2.42
CA ARG G 60 26.93 20.09 2.08
C ARG G 60 25.56 20.42 1.55
N VAL G 61 25.10 21.64 1.82
CA VAL G 61 23.83 22.13 1.34
C VAL G 61 24.07 23.45 0.61
N GLY G 62 23.59 23.55 -0.62
CA GLY G 62 23.71 24.78 -1.36
C GLY G 62 22.84 25.88 -0.77
N ALA G 63 23.19 27.12 -1.13
CA ALA G 63 22.56 28.27 -0.51
C ALA G 63 21.09 28.41 -0.90
N GLY G 64 20.78 28.18 -2.16
CA GLY G 64 19.41 28.34 -2.61
C GLY G 64 18.47 27.23 -2.20
N ALA G 65 19.02 26.10 -1.77
CA ALA G 65 18.18 24.95 -1.43
C ALA G 65 17.24 25.20 -0.26
N PRO G 66 17.68 25.71 0.92
CA PRO G 66 16.69 25.94 1.98
C PRO G 66 15.72 27.05 1.65
N VAL G 67 16.16 28.07 0.90
CA VAL G 67 15.26 29.14 0.49
C VAL G 67 14.17 28.58 -0.40
N TYR G 68 14.55 27.72 -1.35
CA TYR G 68 13.58 27.12 -2.25
C TYR G 68 12.62 26.22 -1.49
N LEU G 69 13.14 25.43 -0.55
CA LEU G 69 12.28 24.57 0.25
C LEU G 69 11.32 25.37 1.11
N ALA G 70 11.80 26.47 1.68
CA ALA G 70 10.95 27.34 2.49
C ALA G 70 9.86 27.96 1.63
N ALA G 71 10.19 28.33 0.40
CA ALA G 71 9.18 28.87 -0.50
C ALA G 71 8.13 27.84 -0.85
N VAL G 72 8.55 26.60 -1.12
CA VAL G 72 7.60 25.54 -1.44
C VAL G 72 6.69 25.27 -0.25
N LEU G 73 7.26 25.15 0.94
CA LEU G 73 6.46 24.89 2.13
C LEU G 73 5.51 26.05 2.41
N GLU G 74 5.98 27.27 2.22
CA GLU G 74 5.14 28.44 2.47
C GLU G 74 3.98 28.49 1.49
N TYR G 75 4.22 28.15 0.22
CA TYR G 75 3.14 28.11 -0.76
C TYR G 75 2.13 27.02 -0.41
N LEU G 76 2.61 25.83 -0.06
CA LEU G 76 1.69 24.73 0.24
C LEU G 76 0.85 25.02 1.46
N THR G 77 1.48 25.53 2.52
CA THR G 77 0.74 25.90 3.71
C THR G 77 -0.23 27.03 3.43
N ALA G 78 0.16 27.99 2.59
CA ALA G 78 -0.73 29.08 2.24
C ALA G 78 -1.96 28.57 1.51
N GLU G 79 -1.76 27.62 0.59
CA GLU G 79 -2.87 27.10 -0.19
C GLU G 79 -3.83 26.31 0.68
N ILE G 80 -3.29 25.45 1.55
CA ILE G 80 -4.17 24.64 2.41
C ILE G 80 -4.84 25.52 3.46
N LEU G 81 -4.17 26.57 3.93
CA LEU G 81 -4.81 27.49 4.87
C LEU G 81 -5.89 28.30 4.20
N GLU G 82 -5.68 28.67 2.93
CA GLU G 82 -6.71 29.36 2.18
C GLU G 82 -7.95 28.50 2.03
N LEU G 83 -7.74 27.22 1.70
CA LEU G 83 -8.88 26.30 1.59
C LEU G 83 -9.57 26.11 2.92
N ALA G 84 -8.79 26.01 4.00
CA ALA G 84 -9.37 25.82 5.33
C ALA G 84 -10.16 27.04 5.77
N GLY G 85 -9.65 28.24 5.51
CA GLY G 85 -10.37 29.44 5.87
C GLY G 85 -11.64 29.60 5.06
N ASN G 86 -11.60 29.24 3.78
CA ASN G 86 -12.80 29.28 2.96
C ASN G 86 -13.83 28.28 3.46
N ALA G 87 -13.39 27.09 3.88
CA ALA G 87 -14.31 26.09 4.37
C ALA G 87 -14.92 26.50 5.71
N ALA G 88 -14.11 27.11 6.58
CA ALA G 88 -14.63 27.59 7.86
C ALA G 88 -15.60 28.74 7.66
N ARG G 89 -15.33 29.59 6.66
CA ARG G 89 -16.27 30.64 6.30
C ARG G 89 -17.56 30.06 5.76
N ASP G 90 -17.47 28.94 5.04
CA ASP G 90 -18.67 28.23 4.62
C ASP G 90 -19.39 27.63 5.80
N ASN G 91 -18.67 27.28 6.86
CA ASN G 91 -19.26 26.81 8.09
C ASN G 91 -19.50 28.00 9.02
N LYS G 92 -19.29 29.22 8.51
CA LYS G 92 -19.42 30.50 9.20
C LYS G 92 -18.71 30.52 10.56
N LYS G 93 -17.56 29.86 10.63
CA LYS G 93 -16.76 29.83 11.84
C LYS G 93 -15.52 30.68 11.66
N THR G 94 -15.20 31.48 12.67
CA THR G 94 -14.06 32.38 12.62
C THR G 94 -12.74 31.63 12.62
N ARG G 95 -12.65 30.53 13.35
CA ARG G 95 -11.41 29.80 13.53
C ARG G 95 -11.53 28.44 12.89
N ILE G 96 -10.41 27.93 12.38
CA ILE G 96 -10.43 26.63 11.71
C ILE G 96 -10.28 25.51 12.73
N ILE G 97 -10.88 24.36 12.42
CA ILE G 97 -10.80 23.17 13.24
C ILE G 97 -10.32 22.05 12.32
N PRO G 98 -9.81 20.93 12.83
CA PRO G 98 -9.33 19.87 11.93
C PRO G 98 -10.37 19.27 11.02
N ARG G 99 -11.66 19.40 11.33
CA ARG G 99 -12.69 19.00 10.38
C ARG G 99 -12.58 19.82 9.09
N HIS G 100 -12.31 21.11 9.23
CA HIS G 100 -12.11 21.96 8.05
C HIS G 100 -10.89 21.51 7.26
N LEU G 101 -9.83 21.11 7.95
CA LEU G 101 -8.64 20.63 7.28
C LEU G 101 -8.92 19.34 6.51
N GLN G 102 -9.70 18.44 7.13
CA GLN G 102 -10.11 17.21 6.44
C GLN G 102 -10.93 17.53 5.19
N LEU G 103 -11.89 18.44 5.32
CA LEU G 103 -12.76 18.80 4.21
C LEU G 103 -11.95 19.42 3.09
N ALA G 104 -10.97 20.26 3.45
CA ALA G 104 -10.14 20.90 2.43
C ALA G 104 -9.20 19.89 1.77
N ILE G 105 -8.69 18.94 2.53
CA ILE G 105 -7.64 18.08 1.99
C ILE G 105 -8.25 16.96 1.16
N ARG G 106 -9.54 16.67 1.36
CA ARG G 106 -10.12 15.57 0.61
C ARG G 106 -10.78 16.02 -0.69
N ASN G 107 -11.25 17.27 -0.76
CA ASN G 107 -11.94 17.66 -1.98
C ASN G 107 -11.03 18.27 -3.03
N ASP G 108 -9.72 18.36 -2.78
CA ASP G 108 -8.77 18.77 -3.80
C ASP G 108 -7.99 17.54 -4.25
N GLU G 109 -8.05 17.26 -5.56
CA GLU G 109 -7.50 16.01 -6.08
C GLU G 109 -5.99 16.00 -5.96
N GLU G 110 -5.33 17.12 -6.26
CA GLU G 110 -3.88 17.18 -6.13
C GLU G 110 -3.44 17.07 -4.68
N LEU G 111 -4.19 17.70 -3.77
CA LEU G 111 -3.89 17.51 -2.35
C LEU G 111 -4.26 16.12 -1.87
N ASN G 112 -5.32 15.53 -2.45
CA ASN G 112 -5.68 14.16 -2.11
C ASN G 112 -4.56 13.20 -2.50
N LYS G 113 -3.99 13.40 -3.69
CA LYS G 113 -2.90 12.54 -4.13
C LYS G 113 -1.63 12.86 -3.36
N LEU G 114 -1.53 14.08 -2.84
CA LEU G 114 -0.43 14.37 -1.93
C LEU G 114 -0.57 13.61 -0.62
N LEU G 115 -1.77 13.57 -0.07
CA LEU G 115 -2.01 13.01 1.27
C LEU G 115 -3.07 11.91 1.26
N GLY G 116 -2.94 10.94 0.36
CA GLY G 116 -3.87 9.81 0.37
C GLY G 116 -3.72 8.92 1.60
N ARG G 117 -2.49 8.77 2.08
CA ARG G 117 -2.18 7.83 3.15
C ARG G 117 -2.10 8.50 4.52
N VAL G 118 -2.57 9.73 4.63
CA VAL G 118 -2.44 10.51 5.86
C VAL G 118 -3.79 10.60 6.53
N THR G 119 -3.81 10.36 7.83
CA THR G 119 -5.03 10.42 8.63
C THR G 119 -4.96 11.61 9.57
N ILE G 120 -6.05 12.36 9.64
CA ILE G 120 -6.14 13.56 10.46
C ILE G 120 -6.97 13.22 11.69
N ALA G 121 -6.43 13.52 12.87
CA ALA G 121 -7.15 13.27 14.11
C ALA G 121 -8.38 14.16 14.20
N GLN G 122 -9.50 13.55 14.65
CA GLN G 122 -10.80 14.21 14.78
C GLN G 122 -11.28 14.80 13.46
N GLY G 123 -10.96 14.13 12.35
CA GLY G 123 -11.22 14.72 11.05
C GLY G 123 -12.49 14.23 10.39
N GLY G 124 -12.84 12.97 10.61
CA GLY G 124 -13.98 12.44 9.89
C GLY G 124 -13.66 12.25 8.42
N VAL G 125 -14.71 12.12 7.62
CA VAL G 125 -14.59 11.98 6.18
C VAL G 125 -15.60 12.90 5.50
N LEU G 126 -15.55 12.89 4.17
CA LEU G 126 -16.44 13.74 3.39
C LEU G 126 -17.89 13.25 3.54
N PRO G 127 -18.86 14.15 3.45
CA PRO G 127 -20.25 13.70 3.29
C PRO G 127 -20.39 13.00 1.95
N ASN G 128 -20.64 11.69 2.01
CA ASN G 128 -20.45 10.85 0.86
C ASN G 128 -21.32 9.61 1.03
N ILE G 129 -22.34 9.48 0.18
CA ILE G 129 -23.23 8.33 0.20
C ILE G 129 -23.15 7.68 -1.17
N GLN G 130 -23.30 6.36 -1.22
CA GLN G 130 -23.32 5.69 -2.50
C GLN G 130 -24.71 5.76 -3.10
N ALA G 131 -24.77 5.62 -4.42
CA ALA G 131 -26.03 5.84 -5.15
C ALA G 131 -27.07 4.80 -4.80
N VAL G 132 -26.67 3.54 -4.67
CA VAL G 132 -27.64 2.49 -4.36
C VAL G 132 -28.11 2.57 -2.91
N LEU G 133 -27.38 3.26 -2.05
CA LEU G 133 -27.78 3.37 -0.65
C LEU G 133 -28.96 4.30 -0.47
N LEU G 134 -29.19 5.21 -1.41
CA LEU G 134 -30.29 6.15 -1.27
C LEU G 134 -31.63 5.46 -1.55
N PRO G 135 -32.72 5.95 -0.96
CA PRO G 135 -34.04 5.40 -1.25
C PRO G 135 -34.46 5.70 -2.68
N LYS G 136 -35.48 4.97 -3.13
CA LYS G 136 -36.02 5.01 -4.50
C LYS G 136 -34.95 4.71 -5.56
N LYS H 31 11.16 26.28 35.50
CA LYS H 31 12.20 26.02 34.51
C LYS H 31 11.71 25.03 33.45
N ARG H 32 11.67 25.48 32.20
CA ARG H 32 11.24 24.64 31.10
C ARG H 32 12.26 24.68 29.98
N SER H 33 12.23 23.64 29.14
CA SER H 33 13.08 23.52 27.97
C SER H 33 12.25 23.73 26.71
N ARG H 34 12.73 24.59 25.81
CA ARG H 34 11.93 24.98 24.66
C ARG H 34 11.81 23.85 23.65
N LYS H 35 10.65 23.76 23.02
CA LYS H 35 10.40 22.85 21.91
C LYS H 35 10.00 23.67 20.70
N GLU H 36 10.69 23.46 19.59
CA GLU H 36 10.52 24.30 18.42
C GLU H 36 9.32 23.87 17.58
N SER H 37 8.62 24.85 17.04
CA SER H 37 7.41 24.60 16.26
C SER H 37 7.25 25.72 15.25
N TYR H 38 6.16 25.66 14.50
CA TYR H 38 5.88 26.66 13.48
C TYR H 38 4.64 27.49 13.78
N SER H 39 4.39 27.79 15.06
CA SER H 39 3.14 28.44 15.44
C SER H 39 3.02 29.84 14.84
N VAL H 40 4.05 30.67 15.06
CA VAL H 40 4.00 32.03 14.55
C VAL H 40 4.09 32.04 13.03
N TYR H 41 4.76 31.05 12.44
CA TYR H 41 4.95 31.07 10.99
C TYR H 41 3.65 30.76 10.27
N VAL H 42 2.97 29.70 10.69
CA VAL H 42 1.68 29.35 10.12
C VAL H 42 0.66 30.43 10.42
N TYR H 43 0.75 31.01 11.62
CA TYR H 43 -0.18 32.08 11.97
C TYR H 43 0.03 33.32 11.10
N LYS H 44 1.29 33.67 10.82
CA LYS H 44 1.59 34.80 9.94
C LYS H 44 1.10 34.55 8.53
N VAL H 45 1.32 33.33 8.02
CA VAL H 45 0.89 33.02 6.66
C VAL H 45 -0.63 33.02 6.57
N LEU H 46 -1.30 32.55 7.63
CA LEU H 46 -2.75 32.61 7.67
C LEU H 46 -3.25 34.04 7.67
N LYS H 47 -2.66 34.89 8.50
CA LYS H 47 -3.07 36.29 8.54
C LYS H 47 -2.75 37.02 7.26
N GLN H 48 -1.75 36.55 6.51
CA GLN H 48 -1.56 37.05 5.15
C GLN H 48 -2.69 36.64 4.24
N VAL H 49 -3.10 35.37 4.28
CA VAL H 49 -4.12 34.93 3.34
C VAL H 49 -5.52 35.19 3.89
N HIS H 50 -5.65 35.31 5.20
CA HIS H 50 -6.94 35.59 5.84
C HIS H 50 -6.66 36.37 7.12
N PRO H 51 -6.73 37.70 7.06
CA PRO H 51 -6.57 38.50 8.29
C PRO H 51 -7.66 38.25 9.32
N ASP H 52 -8.83 37.81 8.87
CA ASP H 52 -10.00 37.69 9.74
C ASP H 52 -10.24 36.28 10.27
N THR H 53 -9.39 35.31 9.93
CA THR H 53 -9.65 33.92 10.28
C THR H 53 -8.65 33.43 11.31
N GLY H 54 -9.16 32.76 12.34
CA GLY H 54 -8.34 32.21 13.40
C GLY H 54 -8.07 30.72 13.23
N ILE H 55 -7.50 30.15 14.27
CA ILE H 55 -7.15 28.73 14.30
C ILE H 55 -7.56 28.15 15.63
N SER H 56 -7.67 26.83 15.67
CA SER H 56 -7.64 26.11 16.94
C SER H 56 -6.19 25.71 17.24
N SER H 57 -5.97 25.23 18.46
CA SER H 57 -4.66 24.64 18.76
C SER H 57 -4.51 23.29 18.09
N LYS H 58 -5.61 22.56 17.95
CA LYS H 58 -5.58 21.27 17.30
C LYS H 58 -5.18 21.38 15.83
N ALA H 59 -5.76 22.36 15.13
CA ALA H 59 -5.37 22.61 13.75
C ALA H 59 -3.92 23.04 13.64
N MET H 60 -3.41 23.74 14.65
CA MET H 60 -2.00 24.11 14.63
C MET H 60 -1.11 22.89 14.83
N GLY H 61 -1.54 21.94 15.66
CA GLY H 61 -0.82 20.68 15.76
C GLY H 61 -0.83 19.92 14.44
N ILE H 62 -1.96 19.97 13.73
CA ILE H 62 -2.03 19.37 12.40
C ILE H 62 -1.04 20.03 11.45
N MET H 63 -0.96 21.36 11.50
CA MET H 63 -0.02 22.08 10.64
C MET H 63 1.43 21.79 10.99
N ASN H 64 1.76 21.65 12.27
CA ASN H 64 3.11 21.29 12.64
C ASN H 64 3.48 19.91 12.14
N SER H 65 2.55 18.95 12.29
CA SER H 65 2.79 17.61 11.75
C SER H 65 2.92 17.64 10.25
N PHE H 66 2.10 18.47 9.58
CA PHE H 66 2.13 18.58 8.13
C PHE H 66 3.45 19.15 7.63
N VAL H 67 3.91 20.25 8.24
CA VAL H 67 5.14 20.87 7.80
C VAL H 67 6.33 19.94 8.04
N ASN H 68 6.34 19.28 9.20
CA ASN H 68 7.41 18.31 9.46
C ASN H 68 7.36 17.16 8.46
N ASP H 69 6.17 16.68 8.12
CA ASP H 69 6.04 15.54 7.22
C ASP H 69 6.49 15.90 5.81
N ILE H 70 6.02 17.04 5.29
CA ILE H 70 6.36 17.41 3.92
C ILE H 70 7.84 17.78 3.82
N PHE H 71 8.37 18.47 4.84
CA PHE H 71 9.80 18.73 4.90
C PHE H 71 10.59 17.43 4.90
N GLU H 72 10.08 16.43 5.64
CA GLU H 72 10.75 15.14 5.70
C GLU H 72 10.75 14.46 4.34
N ARG H 73 9.62 14.49 3.64
CA ARG H 73 9.53 13.85 2.33
C ARG H 73 10.47 14.50 1.33
N ILE H 74 10.44 15.84 1.24
CA ILE H 74 11.28 16.53 0.28
C ILE H 74 12.75 16.34 0.60
N ALA H 75 13.11 16.45 1.89
CA ALA H 75 14.51 16.32 2.27
C ALA H 75 15.02 14.90 2.05
N GLY H 76 14.19 13.90 2.32
CA GLY H 76 14.59 12.52 2.06
C GLY H 76 14.79 12.24 0.58
N GLU H 77 13.87 12.73 -0.26
CA GLU H 77 14.03 12.50 -1.69
C GLU H 77 15.19 13.28 -2.25
N ALA H 78 15.46 14.47 -1.72
CA ALA H 78 16.64 15.22 -2.14
C ALA H 78 17.91 14.48 -1.78
N SER H 79 17.96 13.91 -0.58
CA SER H 79 19.12 13.14 -0.16
C SER H 79 19.30 11.90 -1.02
N ARG H 80 18.19 11.25 -1.37
CA ARG H 80 18.25 10.06 -2.20
C ARG H 80 18.70 10.40 -3.62
N LEU H 81 18.26 11.54 -4.15
CA LEU H 81 18.75 12.01 -5.45
C LEU H 81 20.23 12.33 -5.41
N ALA H 82 20.69 12.96 -4.34
CA ALA H 82 22.11 13.25 -4.21
C ALA H 82 22.92 11.96 -4.10
N HIS H 83 22.33 10.94 -3.47
CA HIS H 83 22.89 9.60 -3.51
C HIS H 83 22.98 9.06 -4.92
N TYR H 84 21.95 9.30 -5.74
CA TYR H 84 21.90 8.69 -7.06
C TYR H 84 22.95 9.27 -7.99
N ASN H 85 23.14 10.58 -7.96
CA ASN H 85 24.11 11.22 -8.82
C ASN H 85 25.50 11.28 -8.20
N LYS H 86 25.71 10.60 -7.07
CA LYS H 86 26.96 10.60 -6.33
C LYS H 86 27.37 12.00 -5.92
N ARG H 87 26.40 12.83 -5.58
CA ARG H 87 26.64 14.22 -5.25
C ARG H 87 26.52 14.44 -3.75
N SER H 88 27.46 15.18 -3.19
CA SER H 88 27.42 15.45 -1.76
C SER H 88 26.79 16.79 -1.43
N THR H 89 26.27 17.51 -2.42
CA THR H 89 25.69 18.83 -2.23
C THR H 89 24.21 18.80 -2.56
N ILE H 90 23.41 19.46 -1.74
CA ILE H 90 22.00 19.68 -2.04
C ILE H 90 21.82 21.14 -2.42
N THR H 91 21.48 21.39 -3.67
CA THR H 91 21.09 22.72 -4.11
C THR H 91 19.65 22.70 -4.56
N SER H 92 19.16 23.89 -4.95
CA SER H 92 17.76 24.07 -5.31
C SER H 92 17.36 23.26 -6.53
N ARG H 93 18.32 22.87 -7.36
CA ARG H 93 18.00 22.00 -8.50
C ARG H 93 17.47 20.66 -8.04
N GLU H 94 18.13 20.04 -7.05
CA GLU H 94 17.68 18.74 -6.57
C GLU H 94 16.35 18.84 -5.85
N ILE H 95 16.16 19.90 -5.07
CA ILE H 95 14.89 20.03 -4.36
C ILE H 95 13.77 20.28 -5.36
N GLN H 96 14.04 21.08 -6.39
CA GLN H 96 13.05 21.33 -7.43
C GLN H 96 12.73 20.05 -8.21
N THR H 97 13.76 19.22 -8.40
CA THR H 97 13.56 17.90 -8.99
C THR H 97 12.64 17.06 -8.13
N ALA H 98 12.86 17.09 -6.82
CA ALA H 98 11.99 16.36 -5.90
C ALA H 98 10.58 16.94 -5.92
N VAL H 99 10.45 18.25 -6.09
CA VAL H 99 9.14 18.87 -6.13
C VAL H 99 8.36 18.40 -7.35
N ARG H 100 9.00 18.37 -8.51
CA ARG H 100 8.32 17.81 -9.69
C ARG H 100 8.08 16.32 -9.51
N LEU H 101 8.95 15.66 -8.76
CA LEU H 101 8.86 14.21 -8.60
C LEU H 101 7.67 13.82 -7.73
N LEU H 102 7.47 14.49 -6.59
CA LEU H 102 6.45 14.05 -5.66
C LEU H 102 5.13 14.78 -5.85
N LEU H 103 5.18 16.08 -6.11
CA LEU H 103 3.95 16.86 -6.11
C LEU H 103 3.18 16.61 -7.39
N PRO H 104 1.90 16.22 -7.30
CA PRO H 104 1.14 15.86 -8.50
C PRO H 104 0.53 17.09 -9.18
N GLY H 105 0.58 17.10 -10.50
CA GLY H 105 -0.14 18.06 -11.31
C GLY H 105 0.33 19.50 -11.30
N GLU H 106 -0.62 20.42 -11.11
CA GLU H 106 -0.36 21.84 -11.33
C GLU H 106 0.38 22.45 -10.15
N LEU H 107 0.28 21.81 -8.98
CA LEU H 107 1.00 22.25 -7.79
C LEU H 107 2.50 22.23 -8.02
N ALA H 108 2.97 21.34 -8.89
CA ALA H 108 4.38 21.33 -9.24
C ALA H 108 4.80 22.64 -9.89
N LYS H 109 4.04 23.07 -10.92
CA LYS H 109 4.38 24.30 -11.64
C LYS H 109 4.24 25.50 -10.71
N HIS H 110 3.22 25.48 -9.85
CA HIS H 110 3.09 26.54 -8.87
C HIS H 110 4.28 26.62 -7.92
N ALA H 111 4.62 25.51 -7.26
CA ALA H 111 5.69 25.54 -6.27
C ALA H 111 7.02 25.92 -6.90
N VAL H 112 7.26 25.48 -8.15
CA VAL H 112 8.39 25.97 -8.91
C VAL H 112 8.29 27.47 -9.12
N SER H 113 7.08 28.01 -9.36
CA SER H 113 6.96 29.44 -9.59
C SER H 113 7.34 30.25 -8.35
N GLU H 114 6.74 29.94 -7.19
CA GLU H 114 7.11 30.72 -6.01
C GLU H 114 8.54 30.47 -5.57
N GLY H 115 9.04 29.24 -5.71
CA GLY H 115 10.42 29.00 -5.35
C GLY H 115 11.39 29.72 -6.24
N THR H 116 11.09 29.82 -7.53
CA THR H 116 11.94 30.54 -8.47
C THR H 116 11.92 32.03 -8.19
N LYS H 117 10.74 32.59 -7.91
CA LYS H 117 10.67 34.00 -7.54
C LYS H 117 11.43 34.25 -6.24
N ALA H 118 11.30 33.34 -5.28
CA ALA H 118 11.95 33.52 -3.99
C ALA H 118 13.47 33.46 -4.12
N VAL H 119 13.99 32.51 -4.90
CA VAL H 119 15.43 32.44 -5.07
C VAL H 119 15.91 33.60 -5.93
N THR H 120 15.00 34.15 -6.75
CA THR H 120 15.34 35.36 -7.50
C THR H 120 15.56 36.55 -6.57
N LYS H 121 14.65 36.79 -5.62
CA LYS H 121 14.91 37.84 -4.64
C LYS H 121 16.10 37.51 -3.75
N TYR H 122 16.27 36.24 -3.40
CA TYR H 122 17.37 35.87 -2.51
C TYR H 122 18.72 36.08 -3.19
N THR H 123 18.78 35.82 -4.49
CA THR H 123 20.00 36.08 -5.25
C THR H 123 20.22 37.57 -5.41
N SER H 124 19.15 38.33 -5.68
CA SER H 124 19.27 39.77 -5.84
C SER H 124 19.52 40.49 -4.52
N ALA H 125 19.30 39.84 -3.39
CA ALA H 125 19.61 40.44 -2.10
C ALA H 125 21.04 40.12 -1.69
N SER K 35 -41.10 -46.02 -7.27
CA SER K 35 -41.85 -45.73 -8.49
C SER K 35 -42.96 -44.73 -8.20
N GLY K 36 -44.17 -45.24 -8.02
CA GLY K 36 -45.32 -44.43 -7.68
C GLY K 36 -45.89 -43.70 -8.88
N PRO K 37 -46.90 -42.87 -8.64
CA PRO K 37 -47.55 -42.14 -9.73
C PRO K 37 -46.65 -41.02 -10.23
N PRO K 38 -46.89 -40.53 -11.46
CA PRO K 38 -46.10 -39.39 -11.95
C PRO K 38 -46.40 -38.11 -11.19
N VAL K 39 -45.57 -37.09 -11.47
CA VAL K 39 -45.50 -35.91 -10.60
C VAL K 39 -46.68 -34.97 -10.84
N SER K 40 -47.28 -35.02 -12.04
CA SER K 40 -48.21 -33.97 -12.48
C SER K 40 -49.45 -33.88 -11.60
N GLU K 41 -50.05 -35.01 -11.25
CA GLU K 41 -51.22 -34.98 -10.38
C GLU K 41 -50.85 -34.52 -8.97
N LEU K 42 -49.64 -34.86 -8.51
CA LEU K 42 -49.16 -34.32 -7.24
C LEU K 42 -49.01 -32.80 -7.32
N ILE K 43 -48.67 -32.27 -8.50
CA ILE K 43 -48.63 -30.83 -8.67
C ILE K 43 -50.04 -30.24 -8.64
N THR K 44 -51.02 -31.00 -9.16
CA THR K 44 -52.42 -30.57 -9.03
C THR K 44 -52.86 -30.52 -7.56
N LYS K 45 -52.46 -31.51 -6.76
CA LYS K 45 -52.74 -31.43 -5.32
C LYS K 45 -51.96 -30.28 -4.68
N ALA K 46 -50.77 -29.99 -5.17
CA ALA K 46 -49.98 -28.87 -4.65
C ALA K 46 -50.68 -27.53 -4.90
N VAL K 47 -51.23 -27.34 -6.11
CA VAL K 47 -51.89 -26.07 -6.41
C VAL K 47 -53.26 -26.01 -5.73
N ALA K 48 -53.90 -27.17 -5.50
CA ALA K 48 -55.18 -27.17 -4.80
C ALA K 48 -55.04 -27.20 -3.29
N ALA K 49 -53.82 -27.30 -2.76
CA ALA K 49 -53.61 -27.35 -1.32
C ALA K 49 -54.02 -26.04 -0.63
N SER K 50 -53.66 -24.90 -1.21
CA SER K 50 -53.94 -23.63 -0.53
C SER K 50 -54.89 -22.75 -1.31
N LYS K 51 -54.61 -22.55 -2.59
CA LYS K 51 -55.38 -21.69 -3.51
C LYS K 51 -55.56 -20.29 -2.92
N GLU K 52 -54.44 -19.63 -2.70
CA GLU K 52 -54.46 -18.25 -2.22
C GLU K 52 -54.73 -17.29 -3.37
N ARG K 53 -54.58 -15.99 -3.09
CA ARG K 53 -55.01 -14.96 -4.03
C ARG K 53 -54.21 -14.99 -5.33
N SER K 54 -52.90 -15.17 -5.23
CA SER K 54 -52.06 -15.37 -6.39
C SER K 54 -51.80 -16.87 -6.58
N GLY K 55 -51.08 -17.20 -7.64
CA GLY K 55 -50.77 -18.59 -7.93
C GLY K 55 -49.75 -19.19 -7.00
N VAL K 56 -49.62 -20.52 -7.02
CA VAL K 56 -48.57 -21.16 -6.23
C VAL K 56 -47.25 -21.08 -6.99
N SER K 57 -46.17 -20.85 -6.26
CA SER K 57 -44.92 -20.53 -6.91
C SER K 57 -44.03 -21.76 -7.05
N LEU K 58 -42.93 -21.58 -7.77
CA LEU K 58 -41.99 -22.67 -8.03
C LEU K 58 -41.34 -23.18 -6.74
N ALA K 59 -40.84 -22.27 -5.91
CA ALA K 59 -40.24 -22.68 -4.64
C ALA K 59 -41.29 -23.27 -3.71
N ALA K 60 -42.51 -22.72 -3.74
CA ALA K 60 -43.60 -23.25 -2.92
C ALA K 60 -43.98 -24.66 -3.35
N LEU K 61 -44.03 -24.92 -4.66
CA LEU K 61 -44.39 -26.27 -5.09
C LEU K 61 -43.25 -27.25 -4.86
N LYS K 62 -42.00 -26.79 -4.93
CA LYS K 62 -40.87 -27.65 -4.55
C LYS K 62 -40.93 -28.00 -3.07
N LYS K 63 -41.25 -27.02 -2.22
CA LYS K 63 -41.42 -27.30 -0.80
C LYS K 63 -42.60 -28.23 -0.54
N ALA K 64 -43.67 -28.08 -1.32
CA ALA K 64 -44.84 -28.95 -1.18
C ALA K 64 -44.50 -30.40 -1.55
N LEU K 65 -43.74 -30.58 -2.63
CA LEU K 65 -43.33 -31.94 -3.00
C LEU K 65 -42.34 -32.52 -2.00
N ALA K 66 -41.47 -31.68 -1.43
CA ALA K 66 -40.55 -32.14 -0.41
C ALA K 66 -41.29 -32.55 0.87
N ALA K 67 -42.31 -31.78 1.24
CA ALA K 67 -43.06 -32.08 2.45
C ALA K 67 -43.95 -33.31 2.27
N ALA K 68 -44.57 -33.44 1.09
CA ALA K 68 -45.34 -34.65 0.80
C ALA K 68 -44.43 -35.86 0.63
N GLY K 69 -43.19 -35.63 0.22
CA GLY K 69 -42.21 -36.69 0.08
C GLY K 69 -41.87 -36.96 -1.37
N TYR K 70 -40.76 -36.39 -1.83
CA TYR K 70 -40.30 -36.55 -3.20
C TYR K 70 -38.85 -36.10 -3.28
N ASP K 71 -38.09 -36.75 -4.16
CA ASP K 71 -36.72 -36.36 -4.43
C ASP K 71 -36.74 -35.23 -5.47
N VAL K 72 -36.94 -34.02 -4.96
CA VAL K 72 -36.94 -32.84 -5.83
C VAL K 72 -35.51 -32.48 -6.23
N GLU K 73 -34.51 -33.04 -5.55
CA GLU K 73 -33.12 -32.70 -5.82
C GLU K 73 -32.68 -33.18 -7.21
N LYS K 74 -33.03 -34.41 -7.56
CA LYS K 74 -32.60 -34.97 -8.84
C LYS K 74 -33.64 -34.81 -9.93
N ASN K 75 -34.73 -34.10 -9.66
CA ASN K 75 -35.82 -33.96 -10.62
C ASN K 75 -36.10 -32.50 -10.96
N ASN K 76 -35.06 -31.66 -10.99
CA ASN K 76 -35.26 -30.25 -11.33
C ASN K 76 -35.64 -30.10 -12.80
N SER K 77 -34.97 -30.82 -13.70
CA SER K 77 -35.38 -30.82 -15.10
C SER K 77 -36.74 -31.47 -15.26
N ARG K 78 -37.02 -32.51 -14.46
CA ARG K 78 -38.31 -33.17 -14.50
C ARG K 78 -39.43 -32.21 -14.09
N ILE K 79 -39.20 -31.42 -13.05
CA ILE K 79 -40.25 -30.51 -12.61
C ILE K 79 -40.37 -29.32 -13.54
N LYS K 80 -39.26 -28.89 -14.17
CA LYS K 80 -39.34 -27.84 -15.17
C LYS K 80 -40.16 -28.28 -16.38
N LEU K 81 -39.91 -29.49 -16.88
CA LEU K 81 -40.71 -29.99 -18.01
C LEU K 81 -42.14 -30.26 -17.60
N GLY K 82 -42.37 -30.66 -16.34
CA GLY K 82 -43.74 -30.83 -15.86
C GLY K 82 -44.51 -29.52 -15.81
N LEU K 83 -43.85 -28.46 -15.32
CA LEU K 83 -44.49 -27.15 -15.30
C LEU K 83 -44.78 -26.65 -16.71
N LYS K 84 -43.83 -26.83 -17.63
CA LYS K 84 -44.07 -26.41 -19.00
C LYS K 84 -45.18 -27.22 -19.66
N SER K 85 -45.24 -28.52 -19.33
CA SER K 85 -46.30 -29.37 -19.85
C SER K 85 -47.67 -28.92 -19.33
N LEU K 86 -47.76 -28.62 -18.03
CA LEU K 86 -49.06 -28.27 -17.47
C LEU K 86 -49.51 -26.88 -17.92
N VAL K 87 -48.57 -25.94 -18.11
CA VAL K 87 -48.99 -24.65 -18.63
C VAL K 87 -49.36 -24.75 -20.11
N SER K 88 -48.75 -25.68 -20.85
CA SER K 88 -49.09 -25.83 -22.25
C SER K 88 -50.49 -26.42 -22.43
N LYS K 89 -50.87 -27.39 -21.59
CA LYS K 89 -52.20 -27.99 -21.69
C LYS K 89 -53.30 -27.10 -21.12
N GLY K 90 -52.96 -26.06 -20.35
CA GLY K 90 -53.96 -25.18 -19.82
C GLY K 90 -54.67 -25.67 -18.58
N THR K 91 -54.23 -26.79 -18.00
CA THR K 91 -54.82 -27.25 -16.75
C THR K 91 -54.56 -26.27 -15.62
N LEU K 92 -53.36 -25.71 -15.58
CA LEU K 92 -53.03 -24.59 -14.71
C LEU K 92 -52.58 -23.42 -15.56
N VAL K 93 -52.75 -22.22 -15.02
CA VAL K 93 -52.31 -21.00 -15.68
C VAL K 93 -51.31 -20.27 -14.78
N GLN K 94 -50.38 -19.55 -15.40
CA GLN K 94 -49.30 -18.88 -14.70
C GLN K 94 -49.71 -17.46 -14.36
N THR K 95 -49.43 -17.05 -13.12
CA THR K 95 -49.89 -15.76 -12.65
C THR K 95 -48.97 -14.63 -13.12
N LYS K 96 -47.70 -14.65 -12.72
CA LYS K 96 -46.78 -13.56 -13.00
C LYS K 96 -45.58 -13.98 -13.82
N GLY K 97 -44.92 -15.08 -13.47
CA GLY K 97 -43.63 -15.42 -14.02
C GLY K 97 -43.70 -15.94 -15.45
N THR K 98 -42.54 -16.39 -15.93
CA THR K 98 -42.38 -16.92 -17.27
C THR K 98 -41.76 -18.30 -17.20
N GLY K 99 -42.34 -19.24 -17.94
CA GLY K 99 -41.84 -20.60 -17.92
C GLY K 99 -42.13 -21.27 -16.60
N ALA K 100 -41.10 -21.85 -16.00
CA ALA K 100 -41.23 -22.55 -14.72
C ALA K 100 -41.12 -21.62 -13.52
N SER K 101 -40.73 -20.36 -13.72
CA SER K 101 -40.62 -19.44 -12.60
C SER K 101 -41.97 -18.76 -12.33
N GLY K 102 -42.01 -17.99 -11.26
CA GLY K 102 -43.21 -17.27 -10.91
C GLY K 102 -44.26 -18.16 -10.28
N SER K 103 -45.51 -17.71 -10.40
CA SER K 103 -46.62 -18.33 -9.71
C SER K 103 -47.59 -18.98 -10.69
N PHE K 104 -48.11 -20.14 -10.30
CA PHE K 104 -49.00 -20.93 -11.13
C PHE K 104 -50.31 -21.15 -10.39
N LYS K 105 -51.42 -20.94 -11.08
CA LYS K 105 -52.73 -21.13 -10.47
C LYS K 105 -53.62 -21.98 -11.36
N LEU K 106 -54.64 -22.55 -10.76
CA LEU K 106 -55.54 -23.48 -11.45
C LEU K 106 -56.38 -22.72 -12.48
N ASN K 107 -56.91 -23.47 -13.44
CA ASN K 107 -57.71 -22.90 -14.50
C ASN K 107 -59.06 -22.39 -13.97
N LYS K 108 -59.84 -21.79 -14.88
CA LYS K 108 -61.11 -21.17 -14.50
C LYS K 108 -62.12 -22.20 -13.99
N LYS K 109 -62.19 -23.36 -14.63
CA LYS K 109 -63.08 -24.41 -14.18
C LYS K 109 -62.38 -25.77 -14.23
#